data_6LVW
#
_entry.id   6LVW
#
_cell.length_a   100.130
_cell.length_b   100.130
_cell.length_c   137.430
_cell.angle_alpha   90.000
_cell.angle_beta   90.000
_cell.angle_gamma   120.000
#
_symmetry.space_group_name_H-M   'P 63'
#
loop_
_entity.id
_entity.type
_entity.pdbx_description
1 polymer 'Beta-galactosidase Bga'
2 non-polymer 'ZINC ION'
3 non-polymer 'MAGNESIUM ION'
4 water water
#
_entity_poly.entity_id   1
_entity_poly.type   'polypeptide(L)'
_entity_poly.pdbx_seq_one_letter_code
;MRLGVCYFPEHWPSEEWERDVAAMADAGLEYVRMAEFSWGVLEPERGTFDFEWLDEAIELIGDHGMQAVLCTPTATPPKW
LVDERPSIRQEDPDGTVREHGSRRHYCFNSDAYREETARIVERVTERYADSPHVAGWQTDNEFGCHETVRCYCDDCADAF
RTWLADRYGDIDRLNEAWGNAFWSQQYGSFDEIDPPGPTPAEHHPSRLLAYARFSSDSVVEYNRLHADLIREADPDWFVT
HNFMGRFPTLNAYDVSEDLDRVAWDSYPTGFVQDRYDGEASPDQLRAGDPDQVGMDHDIYRSALDRPFWVMEQQPGDVNW
PPHCPQPGEGAMRLWAHHAAAHGADAVLYFRWRRCLEGQEQYHAGLRKADGSPDRGYADAAHTSEEFATLDGASHVDAPV
AVVFDYDSLWALNAQPHAPDFDYWALQEAFYGAVRGRGVQVDVVPPSADLSGYAAVVAPALHLVTEDLADRLTDYIAGGG
EVLFGPRTGVKDAENKLRPMSQPGPLTDLVGATVDQHESLPRRLETTVRRVGDPTDDSEEIAAPPVSFRTWAEWLDPDAA
EPQYAYDVDGPADGRPAVVTNTVGDGQVTYCGVWPESDLADALASDLLDRAGVRYAERLPDGVRIGYRGGRTWVTNFTSD
RLRLPEIDPESLAVDDTDRDGFDPMADDDKDSSADGIVVGPYGVAVIEGDCVDGLRIAQT
;
_entity_poly.pdbx_strand_id   A
#
loop_
_chem_comp.id
_chem_comp.type
_chem_comp.name
_chem_comp.formula
MG non-polymer 'MAGNESIUM ION' 'Mg 2'
ZN non-polymer 'ZINC ION' 'Zn 2'
#
# COMPACT_ATOMS: atom_id res chain seq x y z
N MET A 1 -15.09 -9.88 8.84
CA MET A 1 -15.77 -11.17 9.04
C MET A 1 -15.12 -11.93 10.19
N ARG A 2 -13.93 -12.46 9.95
CA ARG A 2 -13.17 -13.17 10.97
C ARG A 2 -12.06 -12.29 11.51
N LEU A 3 -11.70 -12.54 12.76
CA LEU A 3 -10.64 -11.81 13.44
C LEU A 3 -9.51 -12.76 13.77
N GLY A 4 -8.36 -12.20 14.13
CA GLY A 4 -7.22 -13.03 14.47
C GLY A 4 -6.20 -12.24 15.27
N VAL A 5 -5.06 -12.89 15.49
CA VAL A 5 -3.96 -12.30 16.24
C VAL A 5 -2.68 -12.99 15.80
N CYS A 6 -1.58 -12.26 15.85
CA CYS A 6 -0.25 -12.80 15.54
C CYS A 6 0.41 -13.21 16.85
N TYR A 7 0.49 -14.52 17.08
CA TYR A 7 0.99 -15.08 18.32
C TYR A 7 2.44 -15.51 18.13
N PHE A 8 3.19 -15.51 19.24
CA PHE A 8 4.55 -16.00 19.28
C PHE A 8 4.71 -16.89 20.50
N PRO A 9 4.44 -18.19 20.36
CA PRO A 9 4.71 -19.12 21.47
C PRO A 9 6.19 -19.20 21.81
N GLU A 10 7.05 -18.71 20.91
CA GLU A 10 8.49 -18.77 21.14
C GLU A 10 8.89 -18.04 22.41
N HIS A 11 8.21 -16.93 22.72
CA HIS A 11 8.63 -16.11 23.85
C HIS A 11 8.06 -16.58 25.18
N TRP A 12 6.92 -17.26 25.15
CA TRP A 12 6.23 -17.50 26.40
C TRP A 12 6.36 -18.96 26.84
N PRO A 13 6.43 -19.19 28.15
CA PRO A 13 6.46 -20.56 28.66
C PRO A 13 5.19 -21.29 28.28
N SER A 14 5.31 -22.62 28.19
CA SER A 14 4.21 -23.47 27.74
C SER A 14 3.12 -23.64 28.78
N GLU A 15 3.30 -23.12 30.00
CA GLU A 15 2.22 -23.14 30.98
C GLU A 15 1.14 -22.13 30.63
N GLU A 16 1.54 -20.92 30.21
CA GLU A 16 0.59 -19.93 29.72
C GLU A 16 -0.05 -20.31 28.39
N TRP A 17 0.42 -21.37 27.73
CA TRP A 17 0.07 -21.60 26.33
C TRP A 17 -1.42 -21.84 26.15
N GLU A 18 -1.98 -22.83 26.87
CA GLU A 18 -3.38 -23.17 26.64
C GLU A 18 -4.32 -22.15 27.25
N ARG A 19 -3.92 -21.50 28.36
CA ARG A 19 -4.78 -20.44 28.90
C ARG A 19 -4.85 -19.26 27.93
N ASP A 20 -3.75 -18.98 27.23
CA ASP A 20 -3.73 -17.90 26.25
C ASP A 20 -4.50 -18.26 24.98
N VAL A 21 -4.39 -19.51 24.51
CA VAL A 21 -5.24 -19.91 23.39
C VAL A 21 -6.70 -19.93 23.80
N ALA A 22 -6.98 -20.22 25.08
CA ALA A 22 -8.35 -20.15 25.58
C ALA A 22 -8.87 -18.72 25.57
N ALA A 23 -8.04 -17.76 25.95
CA ALA A 23 -8.45 -16.37 25.88
C ALA A 23 -8.65 -15.92 24.45
N MET A 24 -7.78 -16.38 23.55
CA MET A 24 -7.92 -16.10 22.13
C MET A 24 -9.20 -16.69 21.56
N ALA A 25 -9.66 -17.81 22.13
CA ALA A 25 -10.98 -18.34 21.79
C ALA A 25 -12.09 -17.47 22.38
N ASP A 26 -11.90 -16.99 23.61
CA ASP A 26 -12.88 -16.11 24.25
C ASP A 26 -13.13 -14.88 23.40
N ALA A 27 -12.07 -14.24 22.91
CA ALA A 27 -12.22 -13.04 22.10
C ALA A 27 -12.91 -13.34 20.77
N GLY A 28 -12.77 -14.55 20.25
CA GLY A 28 -13.35 -14.89 18.97
C GLY A 28 -12.41 -14.78 17.80
N LEU A 29 -11.12 -14.92 18.02
CA LEU A 29 -10.11 -14.80 16.97
C LEU A 29 -9.88 -16.18 16.34
N GLU A 30 -10.35 -16.36 15.11
CA GLU A 30 -10.35 -17.65 14.42
C GLU A 30 -9.07 -17.91 13.63
N TYR A 31 -8.05 -17.06 13.76
CA TYR A 31 -6.79 -17.22 13.07
C TYR A 31 -5.64 -16.82 13.98
N VAL A 32 -4.56 -17.58 13.91
CA VAL A 32 -3.37 -17.38 14.74
C VAL A 32 -2.15 -17.60 13.86
N ARG A 33 -1.29 -16.59 13.76
CA ARG A 33 -0.13 -16.64 12.88
C ARG A 33 1.16 -16.62 13.70
N MET A 34 2.02 -17.62 13.50
CA MET A 34 3.29 -17.74 14.22
C MET A 34 4.35 -18.35 13.31
N ALA A 35 5.56 -18.51 13.85
CA ALA A 35 6.76 -19.07 13.20
C ALA A 35 7.48 -18.08 12.29
N GLU A 36 7.35 -16.76 12.54
CA GLU A 36 8.09 -15.79 11.73
C GLU A 36 9.58 -15.79 12.09
N PHE A 37 9.88 -15.60 13.37
CA PHE A 37 11.25 -15.46 13.86
C PHE A 37 11.67 -16.66 14.70
N SER A 38 11.26 -17.86 14.27
CA SER A 38 11.51 -19.08 15.01
C SER A 38 12.64 -19.93 14.43
N TRP A 39 13.40 -19.42 13.47
CA TRP A 39 14.48 -20.23 12.93
C TRP A 39 15.53 -20.53 13.99
N GLY A 40 15.92 -19.51 14.75
CA GLY A 40 16.91 -19.73 15.80
C GLY A 40 16.47 -20.73 16.85
N VAL A 41 15.17 -20.82 17.13
CA VAL A 41 14.74 -21.79 18.13
C VAL A 41 14.65 -23.18 17.52
N LEU A 42 14.23 -23.28 16.25
CA LEU A 42 14.05 -24.57 15.61
C LEU A 42 15.40 -25.25 15.34
N GLU A 43 16.29 -24.56 14.65
CA GLU A 43 17.61 -25.06 14.32
C GLU A 43 18.67 -24.30 15.12
N PRO A 44 18.92 -24.68 16.38
CA PRO A 44 19.96 -23.96 17.15
C PRO A 44 21.35 -24.12 16.56
N GLU A 45 21.61 -25.27 15.93
CA GLU A 45 22.82 -25.53 15.17
C GLU A 45 22.40 -26.27 13.90
N ARG A 46 23.30 -26.34 12.93
CA ARG A 46 22.96 -27.01 11.68
C ARG A 46 22.85 -28.52 11.88
N GLY A 47 21.73 -29.10 11.44
CA GLY A 47 21.44 -30.49 11.59
C GLY A 47 20.56 -30.84 12.77
N THR A 48 20.36 -29.89 13.68
CA THR A 48 19.56 -30.09 14.88
C THR A 48 18.23 -29.36 14.76
N PHE A 49 17.11 -30.06 15.01
CA PHE A 49 15.79 -29.50 14.82
C PHE A 49 14.90 -29.77 16.03
N ASP A 50 13.97 -28.84 16.26
CA ASP A 50 13.15 -28.78 17.49
C ASP A 50 11.67 -28.46 17.19
N PHE A 51 11.05 -29.24 16.31
CA PHE A 51 9.70 -28.90 15.83
C PHE A 51 8.61 -28.98 16.90
N GLU A 52 8.79 -29.83 17.92
CA GLU A 52 7.64 -30.31 18.69
C GLU A 52 6.81 -29.18 19.30
N TRP A 53 7.46 -28.12 19.78
CA TRP A 53 6.70 -27.01 20.37
C TRP A 53 5.59 -26.56 19.43
N LEU A 54 5.95 -26.24 18.18
CA LEU A 54 4.94 -25.74 17.25
C LEU A 54 3.82 -26.75 17.08
N ASP A 55 4.16 -28.03 17.01
CA ASP A 55 3.13 -29.07 16.94
C ASP A 55 2.08 -28.83 18.01
N GLU A 56 2.51 -28.84 19.28
CA GLU A 56 1.56 -28.64 20.36
C GLU A 56 0.84 -27.31 20.20
N ALA A 57 1.58 -26.27 19.82
CA ALA A 57 0.96 -24.98 19.56
C ALA A 57 -0.20 -25.14 18.59
N ILE A 58 0.08 -25.70 17.41
CA ILE A 58 -0.98 -25.91 16.43
C ILE A 58 -2.11 -26.71 17.05
N GLU A 59 -1.76 -27.77 17.78
CA GLU A 59 -2.77 -28.61 18.42
C GLU A 59 -3.74 -27.75 19.21
N LEU A 60 -3.21 -26.89 20.07
CA LEU A 60 -4.08 -26.11 20.92
C LEU A 60 -4.91 -25.13 20.10
N ILE A 61 -4.31 -24.55 19.07
CA ILE A 61 -5.09 -23.67 18.19
C ILE A 61 -6.22 -24.46 17.54
N GLY A 62 -5.95 -25.72 17.20
CA GLY A 62 -7.00 -26.58 16.69
C GLY A 62 -7.87 -27.15 17.77
N ASP A 63 -7.34 -27.24 19.00
CA ASP A 63 -8.14 -27.74 20.10
C ASP A 63 -9.26 -26.77 20.45
N HIS A 64 -9.06 -25.48 20.18
CA HIS A 64 -10.01 -24.46 20.55
C HIS A 64 -10.78 -23.89 19.36
N GLY A 65 -10.63 -24.47 18.17
CA GLY A 65 -11.49 -24.14 17.06
C GLY A 65 -11.02 -23.06 16.11
N MET A 66 -9.72 -22.75 16.09
CA MET A 66 -9.19 -21.75 15.17
C MET A 66 -8.17 -22.39 14.25
N GLN A 67 -8.11 -21.90 13.01
CA GLN A 67 -7.15 -22.37 12.03
C GLN A 67 -5.94 -21.43 12.05
N ALA A 68 -4.75 -22.02 12.11
CA ALA A 68 -3.51 -21.27 12.27
C ALA A 68 -2.81 -21.11 10.93
N VAL A 69 -2.40 -19.88 10.63
CA VAL A 69 -1.65 -19.59 9.41
C VAL A 69 -0.18 -19.47 9.76
N LEU A 70 0.66 -20.28 9.10
CA LEU A 70 2.08 -20.36 9.39
C LEU A 70 2.88 -19.55 8.37
N CYS A 71 4.14 -19.29 8.72
CA CYS A 71 5.01 -18.46 7.90
C CYS A 71 6.43 -19.03 7.88
N THR A 72 7.10 -18.81 6.76
CA THR A 72 8.48 -19.25 6.61
C THR A 72 9.39 -18.42 7.53
N PRO A 73 10.39 -19.04 8.15
CA PRO A 73 11.29 -18.33 9.07
C PRO A 73 12.46 -17.63 8.39
N THR A 74 12.37 -17.43 7.08
CA THR A 74 13.46 -16.90 6.29
C THR A 74 13.90 -15.49 6.71
N ALA A 75 13.03 -14.73 7.39
CA ALA A 75 13.34 -13.32 7.67
C ALA A 75 14.54 -13.14 8.58
N THR A 76 14.80 -14.12 9.44
CA THR A 76 15.90 -14.02 10.40
C THR A 76 16.72 -15.30 10.41
N PRO A 77 17.73 -15.39 9.57
CA PRO A 77 18.69 -16.48 9.70
C PRO A 77 19.48 -16.34 10.99
N PRO A 78 19.74 -17.45 11.68
CA PRO A 78 20.49 -17.37 12.95
C PRO A 78 21.94 -16.99 12.71
N LYS A 79 22.63 -16.72 13.82
CA LYS A 79 24.02 -16.28 13.74
C LYS A 79 24.94 -17.37 13.22
N TRP A 80 24.66 -18.63 13.51
CA TRP A 80 25.55 -19.70 13.04
C TRP A 80 25.52 -19.80 11.52
N LEU A 81 24.35 -19.55 10.90
CA LEU A 81 24.28 -19.57 9.44
C LEU A 81 25.01 -18.38 8.84
N VAL A 82 24.84 -17.19 9.42
CA VAL A 82 25.51 -16.00 8.90
C VAL A 82 27.02 -16.15 9.00
N ASP A 83 27.51 -16.60 10.16
CA ASP A 83 28.94 -16.87 10.29
C ASP A 83 29.39 -17.98 9.37
N GLU A 84 28.50 -18.94 9.08
CA GLU A 84 28.89 -20.07 8.23
C GLU A 84 29.02 -19.63 6.77
N ARG A 85 28.04 -18.90 6.26
CA ARG A 85 28.06 -18.40 4.88
C ARG A 85 27.79 -16.90 4.93
N PRO A 86 28.82 -16.08 5.17
CA PRO A 86 28.62 -14.64 5.27
C PRO A 86 28.13 -13.98 3.99
N SER A 87 28.29 -14.64 2.84
CA SER A 87 27.89 -14.07 1.55
C SER A 87 26.40 -13.81 1.45
N ILE A 88 25.59 -14.29 2.41
CA ILE A 88 24.14 -14.13 2.29
C ILE A 88 23.71 -12.69 2.56
N ARG A 89 24.48 -11.94 3.35
CA ARG A 89 24.08 -10.59 3.73
C ARG A 89 24.11 -9.64 2.54
N GLN A 90 23.45 -8.51 2.71
CA GLN A 90 23.34 -7.47 1.69
C GLN A 90 24.44 -6.42 1.86
N GLU A 91 24.53 -5.53 0.87
CA GLU A 91 25.43 -4.39 0.91
C GLU A 91 24.72 -3.15 0.40
N ASP A 92 24.91 -2.03 1.09
CA ASP A 92 24.43 -0.76 0.58
C ASP A 92 25.48 -0.18 -0.38
N PRO A 93 25.09 0.83 -1.20
CA PRO A 93 25.95 1.21 -2.34
C PRO A 93 27.44 1.37 -2.06
N ASP A 94 27.83 2.05 -0.98
CA ASP A 94 29.27 2.17 -0.77
C ASP A 94 29.94 0.85 -0.37
N GLY A 95 29.18 -0.23 -0.21
CA GLY A 95 29.73 -1.54 -0.01
C GLY A 95 29.81 -2.04 1.41
N THR A 96 29.18 -1.36 2.36
CA THR A 96 29.18 -1.82 3.75
C THR A 96 28.15 -2.94 3.91
N VAL A 97 28.58 -4.07 4.48
CA VAL A 97 27.68 -5.22 4.62
C VAL A 97 26.78 -5.03 5.84
N ARG A 98 25.47 -5.20 5.64
CA ARG A 98 24.47 -5.02 6.70
C ARG A 98 24.50 -6.28 7.56
N GLU A 99 25.04 -6.15 8.77
CA GLU A 99 25.40 -7.31 9.58
C GLU A 99 24.18 -7.93 10.26
N HIS A 100 24.45 -8.90 11.11
CA HIS A 100 23.49 -9.50 12.02
C HIS A 100 23.27 -8.57 13.21
N GLY A 101 22.20 -8.85 13.96
CA GLY A 101 21.81 -8.01 15.09
C GLY A 101 20.43 -7.41 14.95
N SER A 102 19.72 -7.71 13.86
CA SER A 102 18.36 -7.25 13.63
C SER A 102 17.68 -8.30 12.73
N ARG A 103 16.63 -7.90 12.02
CA ARG A 103 16.00 -8.78 11.06
C ARG A 103 16.33 -8.35 9.63
N ARG A 104 15.96 -9.22 8.68
CA ARG A 104 16.06 -8.94 7.24
C ARG A 104 17.51 -8.87 6.75
N HIS A 105 18.39 -9.68 7.33
CA HIS A 105 19.82 -9.64 6.98
C HIS A 105 20.17 -10.77 6.01
N TYR A 106 19.60 -10.68 4.81
CA TYR A 106 19.94 -11.59 3.72
C TYR A 106 19.73 -10.86 2.40
N CYS A 107 20.33 -11.42 1.34
CA CYS A 107 20.22 -10.86 -0.01
C CYS A 107 19.38 -11.78 -0.89
N PHE A 108 18.48 -11.17 -1.67
CA PHE A 108 17.56 -11.93 -2.50
C PHE A 108 18.24 -12.63 -3.68
N ASN A 109 19.46 -12.27 -4.02
CA ASN A 109 20.13 -12.80 -5.20
C ASN A 109 21.28 -13.74 -4.91
N SER A 110 21.60 -13.99 -3.64
CA SER A 110 22.70 -14.89 -3.29
C SER A 110 22.21 -16.33 -3.40
N ASP A 111 22.79 -17.09 -4.33
CA ASP A 111 22.34 -18.46 -4.58
C ASP A 111 22.43 -19.32 -3.33
N ALA A 112 23.38 -19.01 -2.46
CA ALA A 112 23.47 -19.68 -1.16
C ALA A 112 22.15 -19.61 -0.41
N TYR A 113 21.63 -18.39 -0.26
CA TYR A 113 20.39 -18.23 0.48
C TYR A 113 19.24 -18.92 -0.23
N ARG A 114 19.25 -18.96 -1.57
CA ARG A 114 18.24 -19.75 -2.26
C ARG A 114 18.30 -21.21 -1.83
N GLU A 115 19.52 -21.77 -1.77
CA GLU A 115 19.68 -23.17 -1.36
C GLU A 115 19.08 -23.41 0.02
N GLU A 116 19.42 -22.55 0.99
CA GLU A 116 18.99 -22.83 2.36
C GLU A 116 17.55 -22.41 2.63
N THR A 117 16.99 -21.44 1.90
CA THR A 117 15.54 -21.31 1.91
C THR A 117 14.91 -22.61 1.46
N ALA A 118 15.39 -23.16 0.34
CA ALA A 118 14.88 -24.44 -0.12
C ALA A 118 14.92 -25.47 1.00
N ARG A 119 16.07 -25.61 1.66
CA ARG A 119 16.22 -26.59 2.73
C ARG A 119 15.20 -26.37 3.85
N ILE A 120 15.20 -25.18 4.44
CA ILE A 120 14.39 -24.94 5.64
C ILE A 120 12.90 -24.96 5.31
N VAL A 121 12.49 -24.33 4.19
CA VAL A 121 11.07 -24.31 3.87
C VAL A 121 10.60 -25.68 3.46
N GLU A 122 11.43 -26.45 2.73
CA GLU A 122 11.06 -27.81 2.39
C GLU A 122 10.77 -28.60 3.65
N ARG A 123 11.68 -28.51 4.63
CA ARG A 123 11.51 -29.29 5.85
C ARG A 123 10.34 -28.80 6.71
N VAL A 124 10.03 -27.51 6.67
CA VAL A 124 8.92 -27.04 7.51
C VAL A 124 7.56 -27.30 6.86
N THR A 125 7.47 -27.27 5.52
CA THR A 125 6.18 -27.57 4.89
C THR A 125 5.89 -29.06 4.88
N GLU A 126 6.90 -29.91 4.66
CA GLU A 126 6.62 -31.34 4.64
C GLU A 126 6.16 -31.84 6.00
N ARG A 127 6.50 -31.14 7.08
CA ARG A 127 6.03 -31.49 8.40
C ARG A 127 4.52 -31.32 8.55
N TYR A 128 3.88 -30.56 7.66
CA TYR A 128 2.50 -30.14 7.86
C TYR A 128 1.61 -30.24 6.62
N ALA A 129 2.09 -30.82 5.53
CA ALA A 129 1.39 -30.75 4.24
C ALA A 129 -0.10 -31.11 4.29
N ASP A 130 -0.41 -32.36 4.63
CA ASP A 130 -1.78 -32.86 4.52
C ASP A 130 -2.53 -32.85 5.85
N SER A 131 -1.92 -33.36 6.91
CA SER A 131 -2.61 -33.79 8.12
C SER A 131 -3.19 -32.66 8.97
N PRO A 132 -2.38 -31.71 9.46
CA PRO A 132 -2.85 -30.83 10.54
C PRO A 132 -3.75 -29.71 10.03
N HIS A 133 -4.23 -28.91 10.98
CA HIS A 133 -5.22 -27.87 10.75
C HIS A 133 -4.62 -26.50 10.52
N VAL A 134 -3.41 -26.43 9.95
CA VAL A 134 -2.91 -25.14 9.48
C VAL A 134 -3.74 -24.70 8.29
N ALA A 135 -3.94 -23.39 8.16
CA ALA A 135 -4.82 -22.87 7.12
C ALA A 135 -4.08 -22.57 5.83
N GLY A 136 -3.02 -21.76 5.91
CA GLY A 136 -2.24 -21.40 4.75
C GLY A 136 -0.87 -20.92 5.17
N TRP A 137 -0.16 -20.33 4.21
CA TRP A 137 1.19 -19.88 4.47
C TRP A 137 1.39 -18.44 4.00
N GLN A 138 2.19 -17.70 4.76
CA GLN A 138 2.58 -16.35 4.46
C GLN A 138 4.09 -16.34 4.23
N THR A 139 4.53 -15.62 3.20
CA THR A 139 5.95 -15.54 2.90
C THR A 139 6.66 -14.76 4.00
N ASP A 140 7.95 -14.51 3.79
CA ASP A 140 8.90 -14.32 4.88
C ASP A 140 8.43 -13.48 6.07
N ASN A 141 8.50 -12.16 5.94
CA ASN A 141 7.80 -11.20 6.78
C ASN A 141 8.11 -9.82 6.27
N GLU A 142 7.11 -9.06 5.83
CA GLU A 142 7.30 -7.68 5.35
C GLU A 142 8.54 -7.55 4.47
N PHE A 143 8.46 -8.18 3.29
CA PHE A 143 9.56 -8.15 2.34
C PHE A 143 10.05 -6.72 2.11
N GLY A 144 11.38 -6.56 2.17
CA GLY A 144 12.00 -5.28 1.86
C GLY A 144 11.95 -4.23 2.95
N CYS A 145 11.48 -4.57 4.16
CA CYS A 145 11.42 -3.59 5.23
C CYS A 145 12.83 -3.19 5.67
N HIS A 146 12.90 -2.01 6.30
CA HIS A 146 14.17 -1.39 6.68
C HIS A 146 15.04 -1.12 5.46
N GLU A 147 14.39 -0.92 4.31
CA GLU A 147 15.07 -0.63 3.04
C GLU A 147 15.99 -1.77 2.62
N THR A 148 15.43 -2.98 2.55
CA THR A 148 16.18 -4.18 2.16
C THR A 148 15.73 -4.75 0.83
N VAL A 149 15.02 -3.97 0.01
CA VAL A 149 14.70 -4.42 -1.34
C VAL A 149 15.92 -4.32 -2.25
N ARG A 150 16.67 -3.22 -2.12
CA ARG A 150 17.78 -2.94 -3.02
C ARG A 150 19.09 -3.16 -2.29
N CYS A 151 19.85 -4.15 -2.75
CA CYS A 151 21.20 -4.40 -2.30
C CYS A 151 22.16 -4.22 -3.47
N TYR A 152 23.39 -3.84 -3.13
CA TYR A 152 24.38 -3.48 -4.13
C TYR A 152 25.58 -4.44 -4.08
N CYS A 153 25.36 -5.67 -3.63
CA CYS A 153 26.44 -6.63 -3.53
C CYS A 153 26.83 -7.11 -4.93
N ASP A 154 27.77 -8.06 -4.98
CA ASP A 154 28.21 -8.59 -6.26
C ASP A 154 27.24 -9.63 -6.83
N ASP A 155 26.58 -10.40 -5.97
CA ASP A 155 25.54 -11.31 -6.45
C ASP A 155 24.42 -10.53 -7.12
N CYS A 156 24.01 -9.40 -6.51
CA CYS A 156 23.05 -8.53 -7.18
C CYS A 156 23.62 -7.98 -8.48
N ALA A 157 24.93 -7.78 -8.55
CA ALA A 157 25.52 -7.26 -9.78
C ALA A 157 25.36 -8.27 -10.92
N ASP A 158 25.63 -9.55 -10.64
CA ASP A 158 25.47 -10.57 -11.66
C ASP A 158 23.99 -10.72 -12.05
N ALA A 159 23.10 -10.72 -11.05
CA ALA A 159 21.68 -10.79 -11.33
C ALA A 159 21.22 -9.59 -12.17
N PHE A 160 21.78 -8.41 -11.89
CA PHE A 160 21.45 -7.21 -12.64
C PHE A 160 21.92 -7.32 -14.08
N ARG A 161 23.14 -7.82 -14.29
CA ARG A 161 23.66 -7.95 -15.64
C ARG A 161 22.80 -8.88 -16.49
N THR A 162 22.41 -10.04 -15.93
CA THR A 162 21.60 -10.97 -16.72
C THR A 162 20.16 -10.47 -16.89
N TRP A 163 19.59 -9.80 -15.87
CA TRP A 163 18.29 -9.16 -16.02
C TRP A 163 18.33 -8.13 -17.14
N LEU A 164 19.42 -7.35 -17.23
CA LEU A 164 19.55 -6.36 -18.29
C LEU A 164 19.67 -7.02 -19.65
N ALA A 165 20.50 -8.07 -19.75
CA ALA A 165 20.61 -8.79 -21.02
C ALA A 165 19.26 -9.36 -21.45
N ASP A 166 18.50 -9.90 -20.50
CA ASP A 166 17.18 -10.44 -20.80
C ASP A 166 16.22 -9.36 -21.27
N ARG A 167 16.33 -8.14 -20.72
CA ARG A 167 15.42 -7.08 -21.11
C ARG A 167 15.78 -6.48 -22.47
N TYR A 168 17.07 -6.27 -22.74
CA TYR A 168 17.50 -5.49 -23.91
C TYR A 168 18.10 -6.30 -25.04
N GLY A 169 18.48 -7.56 -24.81
CA GLY A 169 19.03 -8.37 -25.88
C GLY A 169 20.49 -8.10 -26.18
N ASP A 170 20.83 -6.88 -26.59
CA ASP A 170 22.22 -6.52 -26.81
C ASP A 170 22.51 -5.16 -26.20
N ILE A 171 23.80 -4.85 -26.16
CA ILE A 171 24.27 -3.65 -25.48
C ILE A 171 23.84 -2.38 -26.21
N ASP A 172 23.77 -2.43 -27.54
CA ASP A 172 23.46 -1.22 -28.32
C ASP A 172 22.01 -0.79 -28.16
N ARG A 173 21.08 -1.75 -28.05
CA ARG A 173 19.70 -1.40 -27.75
C ARG A 173 19.57 -0.79 -26.37
N LEU A 174 20.37 -1.24 -25.39
CA LEU A 174 20.35 -0.58 -24.08
C LEU A 174 20.86 0.84 -24.18
N ASN A 175 21.99 1.03 -24.88
CA ASN A 175 22.57 2.37 -24.98
C ASN A 175 21.63 3.33 -25.68
N GLU A 176 20.91 2.88 -26.71
CA GLU A 176 20.03 3.77 -27.43
C GLU A 176 18.69 3.95 -26.71
N ALA A 177 18.25 2.93 -25.95
CA ALA A 177 16.99 3.04 -25.20
C ALA A 177 17.15 3.95 -23.99
N TRP A 178 18.20 3.74 -23.20
CA TRP A 178 18.51 4.74 -22.18
C TRP A 178 19.16 5.97 -22.81
N GLY A 179 19.74 5.88 -24.01
CA GLY A 179 20.44 7.03 -24.54
C GLY A 179 21.61 7.48 -23.71
N ASN A 180 22.76 6.80 -23.85
CA ASN A 180 23.88 7.00 -22.96
C ASN A 180 24.91 7.99 -23.49
N ALA A 181 24.58 8.77 -24.52
CA ALA A 181 25.52 9.76 -25.07
C ALA A 181 25.76 10.94 -24.12
N PHE A 182 24.76 11.31 -23.31
CA PHE A 182 24.94 12.40 -22.36
C PHE A 182 25.97 12.02 -21.31
N TRP A 183 26.96 12.88 -21.12
CA TRP A 183 28.07 12.61 -20.21
C TRP A 183 28.73 11.27 -20.55
N SER A 184 28.83 10.98 -21.86
CA SER A 184 29.53 9.80 -22.39
C SER A 184 29.34 8.57 -21.51
N GLN A 185 28.08 8.25 -21.23
CA GLN A 185 27.73 7.16 -20.32
C GLN A 185 27.39 5.86 -21.05
N GLN A 186 27.87 5.66 -22.27
CA GLN A 186 27.53 4.43 -22.97
C GLN A 186 28.35 3.26 -22.48
N TYR A 187 27.72 2.11 -22.48
CA TYR A 187 28.32 0.86 -22.03
C TYR A 187 28.84 0.11 -23.24
N GLY A 188 30.09 -0.37 -23.15
CA GLY A 188 30.65 -1.16 -24.23
C GLY A 188 30.15 -2.59 -24.23
N SER A 189 29.84 -3.13 -23.05
CA SER A 189 29.25 -4.46 -22.93
C SER A 189 28.56 -4.53 -21.58
N PHE A 190 27.68 -5.53 -21.44
CA PHE A 190 26.84 -5.62 -20.24
C PHE A 190 27.65 -5.78 -18.97
N ASP A 191 28.85 -6.37 -19.06
CA ASP A 191 29.70 -6.49 -17.88
C ASP A 191 30.18 -5.13 -17.39
N GLU A 192 30.30 -4.14 -18.29
CA GLU A 192 30.75 -2.81 -17.93
C GLU A 192 29.72 -2.08 -17.05
N ILE A 193 28.60 -2.73 -16.76
CA ILE A 193 27.54 -2.16 -15.96
C ILE A 193 27.68 -2.66 -14.54
N ASP A 194 27.80 -1.72 -13.60
CA ASP A 194 27.86 -1.99 -12.17
C ASP A 194 26.64 -1.42 -11.47
N PRO A 195 26.16 -2.08 -10.42
CA PRO A 195 25.11 -1.49 -9.58
C PRO A 195 25.55 -0.13 -9.08
N PRO A 196 24.63 0.84 -9.02
CA PRO A 196 25.04 2.23 -8.76
C PRO A 196 25.76 2.38 -7.42
N GLY A 197 26.93 3.01 -7.47
CA GLY A 197 27.70 3.31 -6.29
C GLY A 197 27.95 4.80 -6.15
N PRO A 198 28.82 5.16 -5.21
CA PRO A 198 29.09 6.59 -4.98
C PRO A 198 29.71 7.26 -6.21
N THR A 199 29.15 8.41 -6.57
CA THR A 199 29.58 9.19 -7.71
C THR A 199 29.35 10.66 -7.42
N PRO A 200 30.15 11.57 -7.98
CA PRO A 200 30.07 12.98 -7.58
C PRO A 200 28.71 13.64 -7.78
N ALA A 201 27.91 13.20 -8.75
CA ALA A 201 26.64 13.86 -9.04
C ALA A 201 25.55 12.79 -9.12
N GLU A 202 24.37 13.19 -9.60
CA GLU A 202 23.23 12.29 -9.70
C GLU A 202 23.55 11.10 -10.60
N HIS A 203 22.68 10.10 -10.55
CA HIS A 203 22.79 8.90 -11.37
C HIS A 203 21.79 8.96 -12.52
N HIS A 204 22.07 8.20 -13.57
CA HIS A 204 21.22 8.21 -14.76
C HIS A 204 19.81 7.76 -14.39
N PRO A 205 18.77 8.46 -14.84
CA PRO A 205 17.40 8.05 -14.48
C PRO A 205 17.00 6.69 -15.01
N SER A 206 17.34 6.40 -16.26
CA SER A 206 17.06 5.07 -16.80
C SER A 206 17.84 4.00 -16.05
N ARG A 207 19.08 4.29 -15.67
CA ARG A 207 19.87 3.34 -14.89
C ARG A 207 19.23 3.06 -13.54
N LEU A 208 18.82 4.11 -12.84
CA LEU A 208 18.21 3.94 -11.51
C LEU A 208 16.88 3.22 -11.61
N LEU A 209 16.06 3.57 -12.61
CA LEU A 209 14.79 2.89 -12.80
C LEU A 209 15.00 1.43 -13.14
N ALA A 210 16.03 1.14 -13.95
CA ALA A 210 16.36 -0.25 -14.25
C ALA A 210 16.73 -1.00 -12.98
N TYR A 211 17.52 -0.37 -12.10
CA TYR A 211 17.89 -1.07 -10.87
C TYR A 211 16.71 -1.26 -9.93
N ALA A 212 15.79 -0.30 -9.88
CA ALA A 212 14.61 -0.46 -9.03
C ALA A 212 13.73 -1.61 -9.54
N ARG A 213 13.45 -1.61 -10.84
CA ARG A 213 12.71 -2.71 -11.44
C ARG A 213 13.42 -4.04 -11.20
N PHE A 214 14.76 -4.03 -11.26
CA PHE A 214 15.52 -5.25 -11.08
C PHE A 214 15.41 -5.77 -9.65
N SER A 215 15.52 -4.89 -8.66
CA SER A 215 15.40 -5.32 -7.27
C SER A 215 14.01 -5.90 -7.00
N SER A 216 12.97 -5.20 -7.46
CA SER A 216 11.62 -5.68 -7.21
C SER A 216 11.38 -7.01 -7.93
N ASP A 217 11.91 -7.18 -9.14
CA ASP A 217 11.73 -8.45 -9.84
C ASP A 217 12.51 -9.58 -9.16
N SER A 218 13.68 -9.26 -8.60
CA SER A 218 14.44 -10.24 -7.83
C SER A 218 13.61 -10.76 -6.66
N VAL A 219 12.97 -9.85 -5.93
CA VAL A 219 12.16 -10.34 -4.81
C VAL A 219 10.90 -11.05 -5.32
N VAL A 220 10.37 -10.69 -6.50
CA VAL A 220 9.25 -11.46 -7.03
C VAL A 220 9.66 -12.91 -7.30
N GLU A 221 10.85 -13.12 -7.85
CA GLU A 221 11.32 -14.49 -8.10
C GLU A 221 11.58 -15.24 -6.79
N TYR A 222 12.14 -14.57 -5.79
CA TYR A 222 12.30 -15.20 -4.47
C TYR A 222 10.95 -15.62 -3.91
N ASN A 223 9.95 -14.73 -4.01
CA ASN A 223 8.60 -15.06 -3.56
C ASN A 223 8.01 -16.21 -4.36
N ARG A 224 8.33 -16.30 -5.65
CA ARG A 224 7.82 -17.41 -6.45
C ARG A 224 8.47 -18.72 -6.04
N LEU A 225 9.75 -18.70 -5.66
CA LEU A 225 10.36 -19.89 -5.07
C LEU A 225 9.58 -20.35 -3.85
N HIS A 226 9.34 -19.40 -2.92
CA HIS A 226 8.54 -19.68 -1.73
C HIS A 226 7.20 -20.31 -2.10
N ALA A 227 6.44 -19.64 -2.97
CA ALA A 227 5.09 -20.08 -3.31
C ALA A 227 5.10 -21.42 -4.05
N ASP A 228 6.11 -21.65 -4.89
CA ASP A 228 6.20 -22.92 -5.61
C ASP A 228 6.32 -24.07 -4.63
N LEU A 229 7.24 -23.96 -3.68
CA LEU A 229 7.39 -25.06 -2.73
C LEU A 229 6.20 -25.18 -1.77
N ILE A 230 5.54 -24.06 -1.45
CA ILE A 230 4.35 -24.13 -0.60
C ILE A 230 3.24 -24.89 -1.32
N ARG A 231 2.94 -24.51 -2.57
CA ARG A 231 1.96 -25.25 -3.35
C ARG A 231 2.38 -26.70 -3.54
N GLU A 232 3.69 -26.94 -3.60
CA GLU A 232 4.19 -28.32 -3.67
C GLU A 232 3.78 -29.11 -2.44
N ALA A 233 3.81 -28.48 -1.28
CA ALA A 233 3.48 -29.18 -0.04
C ALA A 233 2.02 -29.61 0.00
N ASP A 234 1.09 -28.65 -0.10
CA ASP A 234 -0.32 -28.98 -0.04
C ASP A 234 -1.11 -28.18 -1.07
N PRO A 235 -1.85 -28.85 -1.96
CA PRO A 235 -2.59 -28.11 -3.00
C PRO A 235 -3.68 -27.20 -2.47
N ASP A 236 -4.22 -27.49 -1.27
CA ASP A 236 -5.31 -26.69 -0.75
C ASP A 236 -4.82 -25.35 -0.20
N TRP A 237 -3.61 -25.31 0.35
CA TRP A 237 -3.10 -24.13 1.03
C TRP A 237 -3.15 -22.89 0.14
N PHE A 238 -3.32 -21.73 0.78
CA PHE A 238 -3.15 -20.45 0.14
C PHE A 238 -1.76 -19.91 0.45
N VAL A 239 -1.20 -19.16 -0.50
CA VAL A 239 0.04 -18.44 -0.28
C VAL A 239 -0.29 -16.95 -0.26
N THR A 240 0.34 -16.23 0.66
CA THR A 240 0.02 -14.82 0.87
C THR A 240 1.28 -14.11 1.35
N HIS A 241 1.20 -12.79 1.46
CA HIS A 241 2.30 -12.02 2.00
C HIS A 241 1.76 -10.81 2.72
N ASN A 242 2.55 -10.31 3.68
CA ASN A 242 2.22 -9.13 4.46
C ASN A 242 3.08 -7.98 3.94
N PHE A 243 2.44 -7.02 3.27
CA PHE A 243 3.12 -5.86 2.74
C PHE A 243 2.97 -4.69 3.71
N MET A 244 3.49 -3.53 3.33
CA MET A 244 3.54 -2.40 4.24
C MET A 244 2.85 -1.19 3.62
N GLY A 245 2.56 -0.22 4.47
CA GLY A 245 1.88 0.99 4.04
C GLY A 245 2.87 2.05 3.54
N ARG A 246 2.48 2.73 2.47
CA ARG A 246 3.27 3.80 1.87
C ARG A 246 4.67 3.32 1.50
N PHE A 247 4.76 2.07 1.03
CA PHE A 247 6.05 1.45 0.76
C PHE A 247 6.40 1.60 -0.72
N PRO A 248 7.51 2.27 -1.04
CA PRO A 248 7.81 2.57 -2.46
C PRO A 248 8.71 1.59 -3.19
N THR A 249 9.43 0.72 -2.49
CA THR A 249 10.51 -0.02 -3.14
C THR A 249 10.07 -1.34 -3.73
N LEU A 250 8.94 -1.89 -3.30
CA LEU A 250 8.49 -3.22 -3.73
C LEU A 250 7.20 -3.09 -4.51
N ASN A 251 7.20 -3.64 -5.73
CA ASN A 251 6.01 -3.62 -6.59
C ASN A 251 5.11 -4.77 -6.15
N ALA A 252 4.12 -4.44 -5.32
CA ALA A 252 3.22 -5.47 -4.79
C ALA A 252 2.35 -6.12 -5.87
N TYR A 253 2.15 -5.46 -7.01
CA TYR A 253 1.31 -6.05 -8.05
C TYR A 253 1.91 -7.35 -8.59
N ASP A 254 3.17 -7.29 -9.02
CA ASP A 254 3.81 -8.44 -9.64
C ASP A 254 4.08 -9.57 -8.64
N VAL A 255 4.43 -9.23 -7.40
CA VAL A 255 4.58 -10.29 -6.41
C VAL A 255 3.23 -10.90 -6.07
N SER A 256 2.17 -10.09 -6.06
CA SER A 256 0.84 -10.63 -5.82
C SER A 256 0.38 -11.51 -6.97
N GLU A 257 0.92 -11.30 -8.17
CA GLU A 257 0.65 -12.23 -9.27
C GLU A 257 1.04 -13.66 -8.92
N ASP A 258 1.86 -13.85 -7.89
CA ASP A 258 2.36 -15.17 -7.51
C ASP A 258 1.65 -15.76 -6.31
N LEU A 259 0.67 -15.07 -5.73
CA LEU A 259 0.01 -15.57 -4.52
C LEU A 259 -1.50 -15.61 -4.73
N ASP A 260 -2.19 -16.11 -3.71
CA ASP A 260 -3.65 -16.30 -3.76
C ASP A 260 -4.43 -15.27 -2.96
N ARG A 261 -3.86 -14.76 -1.87
CA ARG A 261 -4.50 -13.72 -1.05
C ARG A 261 -3.46 -12.68 -0.68
N VAL A 262 -3.90 -11.43 -0.53
CA VAL A 262 -3.04 -10.30 -0.24
C VAL A 262 -3.30 -9.82 1.18
N ALA A 263 -2.23 -9.48 1.89
CA ALA A 263 -2.33 -8.99 3.26
C ALA A 263 -1.35 -7.83 3.45
N TRP A 264 -1.64 -6.98 4.43
CA TRP A 264 -0.73 -5.88 4.74
C TRP A 264 -0.89 -5.48 6.20
N ASP A 265 0.06 -4.68 6.68
CA ASP A 265 0.20 -4.27 8.07
C ASP A 265 -0.16 -2.80 8.19
N SER A 266 -1.16 -2.49 9.00
CA SER A 266 -1.61 -1.11 9.18
C SER A 266 -1.35 -0.66 10.60
N TYR A 267 -0.62 0.44 10.74
CA TYR A 267 -0.43 1.13 12.03
C TYR A 267 -0.72 2.60 11.78
N PRO A 268 -1.99 3.02 11.93
CA PRO A 268 -2.35 4.39 11.54
C PRO A 268 -1.65 5.49 12.33
N THR A 269 -1.62 5.37 13.67
CA THR A 269 -1.00 6.43 14.47
C THR A 269 0.48 6.58 14.16
N GLY A 270 1.15 5.47 13.83
CA GLY A 270 2.57 5.56 13.52
C GLY A 270 2.84 6.19 12.17
N PHE A 271 2.08 5.81 11.14
CA PHE A 271 2.35 6.31 9.81
C PHE A 271 1.83 7.73 9.60
N VAL A 272 0.83 8.17 10.37
CA VAL A 272 0.44 9.57 10.30
C VAL A 272 1.54 10.46 10.85
N GLN A 273 2.48 9.88 11.59
CA GLN A 273 3.60 10.63 12.14
C GLN A 273 4.73 10.78 11.12
N ASP A 274 4.95 9.74 10.30
CA ASP A 274 6.14 9.69 9.46
C ASP A 274 6.06 10.72 8.35
N ARG A 275 6.23 11.99 8.72
CA ARG A 275 6.16 13.15 7.84
C ARG A 275 5.05 12.99 6.80
N TYR A 276 3.93 12.42 7.22
CA TYR A 276 2.71 12.57 6.44
C TYR A 276 2.55 14.06 6.23
N ASP A 277 2.58 14.50 4.97
CA ASP A 277 2.82 15.91 4.68
C ASP A 277 2.01 16.81 5.60
N GLY A 278 2.74 17.59 6.41
CA GLY A 278 2.12 18.40 7.43
C GLY A 278 2.24 17.80 8.81
N GLU A 279 1.98 18.63 9.81
CA GLU A 279 2.05 18.22 11.20
C GLU A 279 0.88 17.29 11.52
N ALA A 280 1.19 16.11 12.07
CA ALA A 280 0.14 15.20 12.49
C ALA A 280 -0.66 15.82 13.62
N SER A 281 -1.99 15.89 13.44
CA SER A 281 -2.87 16.54 14.39
C SER A 281 -3.24 15.59 15.52
N PRO A 282 -3.77 16.12 16.64
CA PRO A 282 -4.06 15.22 17.79
C PRO A 282 -4.99 14.07 17.46
N ASP A 283 -6.15 14.34 16.86
CA ASP A 283 -7.05 13.27 16.47
C ASP A 283 -6.35 12.31 15.51
N GLN A 284 -5.43 12.81 14.69
CA GLN A 284 -4.61 11.92 13.88
C GLN A 284 -3.60 11.16 14.73
N LEU A 285 -3.06 11.82 15.76
CA LEU A 285 -2.14 11.15 16.67
C LEU A 285 -2.79 10.00 17.41
N ARG A 286 -4.12 10.00 17.52
CA ARG A 286 -4.82 8.95 18.24
C ARG A 286 -5.64 8.03 17.35
N ALA A 287 -5.88 8.38 16.09
CA ALA A 287 -6.70 7.56 15.23
C ALA A 287 -6.05 7.30 13.87
N GLY A 288 -5.19 8.22 13.44
CA GLY A 288 -4.59 8.12 12.13
C GLY A 288 -5.36 8.90 11.09
N ASP A 289 -4.94 8.74 9.84
CA ASP A 289 -5.60 9.40 8.72
C ASP A 289 -6.41 8.39 7.93
N PRO A 290 -7.72 8.58 7.79
CA PRO A 290 -8.53 7.60 7.07
C PRO A 290 -8.11 7.42 5.63
N ASP A 291 -7.51 8.43 5.01
CA ASP A 291 -7.21 8.36 3.58
C ASP A 291 -5.91 7.61 3.30
N GLN A 292 -4.89 7.75 4.14
CA GLN A 292 -3.68 6.96 3.92
C GLN A 292 -3.95 5.47 4.12
N VAL A 293 -4.55 5.12 5.26
CA VAL A 293 -4.91 3.73 5.52
C VAL A 293 -5.90 3.24 4.47
N GLY A 294 -6.80 4.12 4.03
CA GLY A 294 -7.80 3.70 3.05
C GLY A 294 -7.22 3.44 1.68
N MET A 295 -6.30 4.29 1.23
CA MET A 295 -5.65 4.04 -0.04
C MET A 295 -4.80 2.78 0.00
N ASP A 296 -4.16 2.50 1.14
CA ASP A 296 -3.43 1.24 1.24
C ASP A 296 -4.39 0.05 1.23
N HIS A 297 -5.54 0.18 1.91
CA HIS A 297 -6.55 -0.87 1.86
C HIS A 297 -6.99 -1.13 0.42
N ASP A 298 -7.27 -0.06 -0.33
CA ASP A 298 -7.72 -0.21 -1.70
C ASP A 298 -6.64 -0.79 -2.60
N ILE A 299 -5.39 -0.34 -2.42
CA ILE A 299 -4.30 -0.83 -3.29
C ILE A 299 -4.05 -2.29 -3.05
N TYR A 300 -4.24 -2.77 -1.81
CA TYR A 300 -4.01 -4.19 -1.57
C TYR A 300 -5.24 -5.04 -1.82
N ARG A 301 -6.44 -4.45 -1.85
CA ARG A 301 -7.61 -5.21 -2.28
C ARG A 301 -7.59 -5.42 -3.78
N SER A 302 -7.41 -4.34 -4.55
CA SER A 302 -7.44 -4.42 -6.00
C SER A 302 -6.23 -5.16 -6.60
N ALA A 303 -5.37 -5.75 -5.76
CA ALA A 303 -4.21 -6.47 -6.27
C ALA A 303 -4.64 -7.70 -7.07
N LEU A 304 -5.50 -8.53 -6.49
CA LEU A 304 -6.00 -9.73 -7.13
C LEU A 304 -7.44 -9.61 -7.58
N ASP A 305 -8.04 -8.44 -7.45
CA ASP A 305 -9.49 -8.26 -7.64
C ASP A 305 -10.27 -9.10 -6.64
N ARG A 306 -9.68 -9.34 -5.48
CA ARG A 306 -10.27 -10.15 -4.42
C ARG A 306 -10.11 -9.42 -3.10
N PRO A 307 -10.89 -9.79 -2.08
CA PRO A 307 -10.69 -9.24 -0.74
C PRO A 307 -9.31 -9.58 -0.21
N PHE A 308 -8.91 -8.81 0.80
CA PHE A 308 -7.59 -8.91 1.40
C PHE A 308 -7.71 -9.22 2.88
N TRP A 309 -6.55 -9.40 3.52
CA TRP A 309 -6.41 -9.53 4.96
C TRP A 309 -5.55 -8.39 5.45
N VAL A 310 -5.69 -8.04 6.73
CA VAL A 310 -4.69 -7.15 7.31
C VAL A 310 -3.91 -7.99 8.31
N MET A 311 -2.75 -8.51 7.87
CA MET A 311 -2.02 -9.51 8.65
C MET A 311 -1.50 -8.96 9.96
N GLU A 312 -1.28 -7.65 10.05
CA GLU A 312 -0.87 -7.04 11.29
C GLU A 312 -1.64 -5.74 11.49
N GLN A 313 -2.25 -5.59 12.66
CA GLN A 313 -3.07 -4.45 12.99
C GLN A 313 -2.62 -3.87 14.32
N GLN A 314 -2.50 -2.54 14.37
CA GLN A 314 -2.01 -1.88 15.57
C GLN A 314 -2.87 -2.21 16.78
N PRO A 315 -2.28 -2.74 17.87
CA PRO A 315 -3.09 -3.11 19.05
C PRO A 315 -3.20 -2.00 20.08
N GLY A 316 -2.28 -1.04 20.04
CA GLY A 316 -2.18 0.01 21.03
C GLY A 316 -0.97 0.87 20.77
N ASP A 317 -0.25 1.26 21.81
CA ASP A 317 0.98 2.02 21.60
C ASP A 317 2.05 1.12 20.99
N VAL A 318 2.77 1.65 20.02
CA VAL A 318 3.86 0.92 19.36
C VAL A 318 5.16 1.67 19.57
N ASN A 319 6.25 1.15 19.00
CA ASN A 319 7.59 1.64 19.31
C ASN A 319 8.26 2.45 18.21
N TRP A 320 7.94 2.20 16.93
CA TRP A 320 8.80 2.77 15.89
C TRP A 320 8.62 4.28 15.62
N PRO A 321 7.41 4.84 15.58
CA PRO A 321 7.28 6.28 15.27
C PRO A 321 7.89 7.14 16.37
N PRO A 322 8.20 8.41 16.09
CA PRO A 322 8.94 9.22 17.07
C PRO A 322 8.26 9.34 18.42
N HIS A 323 7.04 9.85 18.46
CA HIS A 323 6.21 9.81 19.65
C HIS A 323 5.13 8.75 19.44
N CYS A 324 4.63 8.19 20.52
CA CYS A 324 3.51 7.25 20.45
C CYS A 324 2.53 7.54 21.57
N PRO A 325 1.65 8.53 21.39
CA PRO A 325 0.60 8.76 22.38
C PRO A 325 -0.42 7.62 22.33
N GLN A 326 -1.14 7.49 23.44
CA GLN A 326 -2.13 6.43 23.54
C GLN A 326 -3.24 6.66 22.51
N PRO A 327 -3.56 5.67 21.68
CA PRO A 327 -4.66 5.85 20.72
C PRO A 327 -6.00 6.02 21.43
N GLY A 328 -6.95 6.58 20.70
CA GLY A 328 -8.25 6.89 21.26
C GLY A 328 -9.00 5.66 21.74
N GLU A 329 -10.06 5.92 22.49
CA GLU A 329 -10.90 4.86 23.04
C GLU A 329 -11.60 4.12 21.91
N GLY A 330 -11.34 2.82 21.79
CA GLY A 330 -11.94 2.04 20.73
C GLY A 330 -11.31 2.24 19.37
N ALA A 331 -10.05 2.70 19.32
CA ALA A 331 -9.40 2.92 18.04
C ALA A 331 -9.18 1.62 17.27
N MET A 332 -9.01 0.51 17.98
CA MET A 332 -8.78 -0.77 17.31
C MET A 332 -10.05 -1.32 16.68
N ARG A 333 -11.18 -1.19 17.39
CA ARG A 333 -12.48 -1.49 16.76
C ARG A 333 -12.68 -0.62 15.53
N LEU A 334 -12.27 0.65 15.64
CA LEU A 334 -12.39 1.59 14.53
C LEU A 334 -11.57 1.14 13.33
N TRP A 335 -10.31 0.73 13.55
CA TRP A 335 -9.46 0.27 12.46
C TRP A 335 -9.97 -1.03 11.87
N ALA A 336 -10.46 -1.94 12.72
CA ALA A 336 -11.01 -3.20 12.23
C ALA A 336 -12.20 -2.95 11.30
N HIS A 337 -13.12 -2.08 11.72
CA HIS A 337 -14.27 -1.78 10.89
C HIS A 337 -13.88 -0.98 9.66
N HIS A 338 -12.83 -0.15 9.75
CA HIS A 338 -12.32 0.56 8.59
C HIS A 338 -11.83 -0.41 7.53
N ALA A 339 -11.00 -1.37 7.94
CA ALA A 339 -10.52 -2.39 7.01
C ALA A 339 -11.67 -3.25 6.48
N ALA A 340 -12.63 -3.58 7.35
CA ALA A 340 -13.78 -4.37 6.92
C ALA A 340 -14.58 -3.63 5.86
N ALA A 341 -14.76 -2.32 6.03
CA ALA A 341 -15.42 -1.51 5.01
C ALA A 341 -14.63 -1.50 3.72
N HIS A 342 -13.30 -1.42 3.82
CA HIS A 342 -12.47 -1.34 2.63
C HIS A 342 -12.26 -2.70 1.95
N GLY A 343 -12.75 -3.79 2.53
CA GLY A 343 -12.69 -5.07 1.84
C GLY A 343 -12.04 -6.21 2.61
N ALA A 344 -11.46 -5.93 3.76
CA ALA A 344 -10.82 -6.98 4.54
C ALA A 344 -11.85 -7.90 5.16
N ASP A 345 -11.70 -9.20 4.94
CA ASP A 345 -12.53 -10.19 5.62
C ASP A 345 -11.83 -10.77 6.84
N ALA A 346 -10.51 -10.61 6.95
CA ALA A 346 -9.75 -11.03 8.11
C ALA A 346 -8.87 -9.88 8.58
N VAL A 347 -8.82 -9.70 9.89
CA VAL A 347 -8.05 -8.64 10.54
C VAL A 347 -7.32 -9.27 11.73
N LEU A 348 -6.01 -9.41 11.62
CA LEU A 348 -5.21 -10.12 12.62
C LEU A 348 -4.29 -9.12 13.32
N TYR A 349 -4.40 -9.08 14.65
CA TYR A 349 -3.72 -8.05 15.45
C TYR A 349 -2.33 -8.51 15.87
N PHE A 350 -1.38 -7.59 15.82
CA PHE A 350 0.01 -7.85 16.17
C PHE A 350 0.36 -6.97 17.36
N ARG A 351 0.63 -7.58 18.52
CA ARG A 351 0.65 -9.03 18.68
C ARG A 351 -0.24 -9.45 19.85
N TRP A 352 -0.11 -10.71 20.27
CA TRP A 352 -0.95 -11.23 21.34
C TRP A 352 -0.61 -10.57 22.68
N ARG A 353 0.66 -10.55 23.03
CA ARG A 353 1.11 -10.02 24.31
C ARG A 353 2.38 -9.23 24.08
N ARG A 354 2.50 -8.08 24.76
CA ARG A 354 3.68 -7.25 24.61
C ARG A 354 4.92 -8.07 24.92
N CYS A 355 5.87 -8.05 24.00
CA CYS A 355 7.08 -8.84 24.15
C CYS A 355 8.00 -8.16 25.17
N LEU A 356 8.36 -8.89 26.22
CA LEU A 356 9.20 -8.38 27.30
C LEU A 356 10.66 -8.32 26.89
N GLU A 357 10.93 -8.66 25.63
CA GLU A 357 12.14 -9.38 25.28
C GLU A 357 13.10 -8.62 24.39
N GLY A 358 12.72 -8.34 23.15
CA GLY A 358 13.64 -7.84 22.16
C GLY A 358 13.68 -6.32 22.10
N GLN A 359 14.02 -5.83 20.92
CA GLN A 359 14.06 -4.40 20.65
C GLN A 359 12.68 -3.84 20.31
N GLU A 360 11.61 -4.54 20.68
CA GLU A 360 10.25 -4.07 20.49
C GLU A 360 9.47 -4.12 21.80
N GLN A 361 10.17 -3.91 22.93
CA GLN A 361 9.51 -3.94 24.22
C GLN A 361 8.41 -2.89 24.31
N TYR A 362 8.61 -1.75 23.65
CA TYR A 362 7.66 -0.65 23.68
C TYR A 362 6.54 -0.82 22.66
N HIS A 363 6.32 -2.03 22.16
CA HIS A 363 5.22 -2.34 21.27
C HIS A 363 4.18 -3.14 22.05
N ALA A 364 2.98 -2.58 22.16
CA ALA A 364 1.94 -3.25 22.93
C ALA A 364 1.44 -4.49 22.21
N GLY A 365 0.67 -5.29 22.94
CA GLY A 365 -0.12 -6.35 22.36
C GLY A 365 -1.55 -6.22 22.85
N LEU A 366 -2.38 -7.17 22.42
CA LEU A 366 -3.75 -7.20 22.93
C LEU A 366 -3.78 -7.49 24.43
N ARG A 367 -2.69 -8.02 24.97
CA ARG A 367 -2.54 -8.26 26.40
C ARG A 367 -1.38 -7.45 26.94
N LYS A 368 -1.41 -7.19 28.25
CA LYS A 368 -0.39 -6.39 28.93
C LYS A 368 0.86 -7.25 29.13
N ALA A 369 1.80 -6.77 29.96
CA ALA A 369 2.94 -7.61 30.30
C ALA A 369 2.57 -8.65 31.37
N ASP A 370 1.59 -8.35 32.20
CA ASP A 370 1.12 -9.24 33.27
C ASP A 370 0.54 -10.54 32.75
N GLY A 371 0.25 -10.64 31.46
CA GLY A 371 -0.78 -11.53 31.02
C GLY A 371 -2.16 -10.97 31.22
N SER A 372 -2.27 -9.79 31.83
CA SER A 372 -3.53 -9.07 31.90
C SER A 372 -3.92 -8.58 30.50
N PRO A 373 -5.21 -8.49 30.23
CA PRO A 373 -5.64 -7.94 28.94
C PRO A 373 -5.35 -6.45 28.84
N ASP A 374 -5.02 -6.03 27.62
CA ASP A 374 -4.88 -4.64 27.28
C ASP A 374 -6.14 -4.19 26.55
N ARG A 375 -6.22 -2.89 26.27
CA ARG A 375 -7.39 -2.35 25.57
C ARG A 375 -7.68 -3.10 24.28
N GLY A 376 -6.62 -3.58 23.63
CA GLY A 376 -6.78 -4.29 22.37
C GLY A 376 -7.69 -5.51 22.50
N TYR A 377 -7.59 -6.25 23.60
CA TYR A 377 -8.41 -7.44 23.77
C TYR A 377 -9.88 -7.09 23.84
N ALA A 378 -10.24 -6.07 24.63
CA ALA A 378 -11.64 -5.69 24.76
C ALA A 378 -12.21 -5.24 23.42
N ASP A 379 -11.46 -4.38 22.71
CA ASP A 379 -11.97 -3.90 21.43
C ASP A 379 -12.03 -5.01 20.39
N ALA A 380 -11.09 -5.97 20.45
CA ALA A 380 -11.14 -7.13 19.57
C ALA A 380 -12.39 -7.96 19.82
N ALA A 381 -12.77 -8.13 21.10
CA ALA A 381 -14.00 -8.86 21.39
C ALA A 381 -15.22 -8.15 20.84
N HIS A 382 -15.29 -6.83 21.03
CA HIS A 382 -16.44 -6.07 20.56
C HIS A 382 -16.57 -6.12 19.03
N THR A 383 -15.46 -5.89 18.32
CA THR A 383 -15.52 -5.98 16.86
C THR A 383 -15.77 -7.42 16.42
N SER A 384 -15.36 -8.41 17.22
CA SER A 384 -15.71 -9.78 16.88
C SER A 384 -17.22 -9.96 16.84
N GLU A 385 -17.89 -9.53 17.91
CA GLU A 385 -19.34 -9.71 17.96
C GLU A 385 -20.02 -9.01 16.80
N GLU A 386 -19.65 -7.75 16.52
CA GLU A 386 -20.33 -7.05 15.43
C GLU A 386 -19.99 -7.65 14.06
N PHE A 387 -18.76 -8.12 13.85
CA PHE A 387 -18.44 -8.80 12.61
C PHE A 387 -19.30 -10.04 12.43
N ALA A 388 -19.55 -10.77 13.52
CA ALA A 388 -20.44 -11.91 13.44
C ALA A 388 -21.85 -11.47 13.04
N THR A 389 -22.39 -10.43 13.69
CA THR A 389 -23.78 -10.06 13.46
C THR A 389 -24.03 -9.55 12.04
N LEU A 390 -23.22 -8.59 11.58
CA LEU A 390 -23.40 -8.14 10.20
C LEU A 390 -22.91 -9.22 9.23
N ASP A 391 -23.56 -9.27 8.08
CA ASP A 391 -23.63 -10.48 7.25
C ASP A 391 -22.27 -10.90 6.68
N GLY A 392 -22.31 -11.96 5.88
CA GLY A 392 -21.14 -12.52 5.23
C GLY A 392 -20.76 -11.59 4.09
N ALA A 393 -20.16 -10.47 4.49
CA ALA A 393 -19.94 -9.33 3.62
C ALA A 393 -19.30 -9.72 2.30
N SER A 394 -19.80 -9.11 1.22
CA SER A 394 -19.38 -9.40 -0.14
C SER A 394 -18.09 -8.65 -0.48
N HIS A 395 -17.62 -8.85 -1.71
CA HIS A 395 -16.45 -8.14 -2.22
C HIS A 395 -16.91 -6.83 -2.83
N VAL A 396 -16.39 -5.71 -2.32
CA VAL A 396 -16.75 -4.42 -2.86
C VAL A 396 -16.28 -4.31 -4.30
N ASP A 397 -17.01 -3.51 -5.08
CA ASP A 397 -16.55 -3.11 -6.40
C ASP A 397 -16.59 -1.59 -6.46
N ALA A 398 -15.56 -1.00 -7.03
CA ALA A 398 -15.52 0.45 -7.07
C ALA A 398 -15.93 0.96 -8.44
N PRO A 399 -16.70 2.04 -8.50
CA PRO A 399 -17.08 2.60 -9.79
C PRO A 399 -15.96 3.45 -10.38
N VAL A 400 -15.11 4.00 -9.51
CA VAL A 400 -14.04 4.90 -9.93
C VAL A 400 -12.69 4.22 -9.71
N ALA A 401 -11.73 4.57 -10.56
CA ALA A 401 -10.40 4.00 -10.51
C ALA A 401 -9.33 5.08 -10.49
N VAL A 402 -8.28 4.82 -9.71
CA VAL A 402 -7.08 5.64 -9.67
C VAL A 402 -5.92 4.75 -10.07
N VAL A 403 -5.12 5.19 -11.03
CA VAL A 403 -4.04 4.34 -11.53
C VAL A 403 -2.77 4.63 -10.74
N PHE A 404 -2.29 3.63 -10.01
CA PHE A 404 -1.07 3.72 -9.23
C PHE A 404 0.03 3.00 -10.02
N ASP A 405 1.11 3.72 -10.32
CA ASP A 405 2.16 3.21 -11.20
C ASP A 405 3.48 3.28 -10.45
N TYR A 406 3.98 2.11 -10.04
CA TYR A 406 5.24 2.08 -9.29
C TYR A 406 6.40 2.64 -10.11
N ASP A 407 6.33 2.53 -11.44
CA ASP A 407 7.38 3.09 -12.27
C ASP A 407 7.35 4.60 -12.25
N SER A 408 6.15 5.20 -12.30
CA SER A 408 6.02 6.64 -12.12
C SER A 408 6.54 7.05 -10.75
N LEU A 409 6.23 6.25 -9.72
CA LEU A 409 6.70 6.54 -8.37
C LEU A 409 8.21 6.57 -8.30
N TRP A 410 8.88 5.54 -8.84
CA TRP A 410 10.33 5.49 -8.79
C TRP A 410 10.95 6.60 -9.64
N ALA A 411 10.39 6.84 -10.83
CA ALA A 411 10.97 7.82 -11.74
C ALA A 411 10.90 9.23 -11.14
N LEU A 412 9.79 9.57 -10.46
CA LEU A 412 9.70 10.87 -9.81
C LEU A 412 10.45 10.92 -8.49
N ASN A 413 10.60 9.78 -7.79
CA ASN A 413 11.50 9.74 -6.65
C ASN A 413 12.93 10.07 -7.09
N ALA A 414 13.30 9.67 -8.31
CA ALA A 414 14.62 10.00 -8.82
C ALA A 414 14.71 11.46 -9.26
N GLN A 415 13.59 12.03 -9.71
CA GLN A 415 13.55 13.41 -10.19
C GLN A 415 12.31 14.11 -9.66
N PRO A 416 12.31 14.50 -8.38
CA PRO A 416 11.14 15.18 -7.83
C PRO A 416 10.96 16.60 -8.35
N HIS A 417 12.05 17.28 -8.71
CA HIS A 417 12.04 18.68 -9.12
C HIS A 417 11.49 19.59 -8.04
N ALA A 418 11.41 19.08 -6.81
CA ALA A 418 10.94 19.82 -5.64
C ALA A 418 11.23 18.99 -4.40
N PRO A 419 11.69 19.61 -3.30
CA PRO A 419 11.90 18.83 -2.07
C PRO A 419 10.62 18.40 -1.41
N ASP A 420 9.56 19.19 -1.52
CA ASP A 420 8.26 18.88 -0.93
C ASP A 420 7.34 18.13 -1.88
N PHE A 421 7.88 17.52 -2.94
CA PHE A 421 7.06 16.74 -3.85
C PHE A 421 7.12 15.26 -3.46
N ASP A 422 5.97 14.59 -3.56
CA ASP A 422 5.85 13.20 -3.13
C ASP A 422 4.68 12.59 -3.87
N TYR A 423 4.93 11.47 -4.55
CA TYR A 423 3.89 10.77 -5.31
C TYR A 423 2.74 10.35 -4.39
N TRP A 424 3.07 9.90 -3.18
CA TRP A 424 2.05 9.50 -2.21
C TRP A 424 1.11 10.64 -1.91
N ALA A 425 1.65 11.84 -1.65
CA ALA A 425 0.81 12.98 -1.31
C ALA A 425 -0.06 13.43 -2.48
N LEU A 426 0.43 13.32 -3.71
CA LEU A 426 -0.36 13.72 -4.88
C LEU A 426 -1.53 12.76 -5.09
N GLN A 427 -1.22 11.46 -5.14
CA GLN A 427 -2.29 10.48 -5.21
C GLN A 427 -3.25 10.63 -4.04
N GLU A 428 -2.74 11.06 -2.88
CA GLU A 428 -3.59 11.26 -1.72
C GLU A 428 -4.54 12.43 -1.94
N ALA A 429 -4.05 13.53 -2.48
CA ALA A 429 -4.93 14.66 -2.78
C ALA A 429 -6.09 14.21 -3.66
N PHE A 430 -5.78 13.59 -4.80
CA PHE A 430 -6.87 13.24 -5.73
C PHE A 430 -7.78 12.16 -5.14
N TYR A 431 -7.20 11.08 -4.62
CA TYR A 431 -8.00 9.99 -4.06
C TYR A 431 -8.85 10.44 -2.89
N GLY A 432 -8.31 11.30 -2.02
CA GLY A 432 -9.06 11.79 -0.89
C GLY A 432 -10.14 12.76 -1.28
N ALA A 433 -9.94 13.51 -2.37
CA ALA A 433 -11.06 14.30 -2.90
C ALA A 433 -12.18 13.40 -3.36
N VAL A 434 -11.84 12.27 -4.00
CA VAL A 434 -12.88 11.35 -4.43
C VAL A 434 -13.57 10.69 -3.23
N ARG A 435 -12.80 10.31 -2.21
CA ARG A 435 -13.38 9.65 -1.04
C ARG A 435 -14.19 10.62 -0.18
N GLY A 436 -13.80 11.89 -0.14
CA GLY A 436 -14.55 12.93 0.54
C GLY A 436 -15.94 13.15 -0.02
N ARG A 437 -16.26 12.49 -1.13
CA ARG A 437 -17.62 12.41 -1.64
C ARG A 437 -18.31 11.11 -1.26
N GLY A 438 -17.58 10.17 -0.66
CA GLY A 438 -18.17 8.99 -0.07
C GLY A 438 -18.15 7.72 -0.88
N VAL A 439 -17.47 7.71 -2.03
CA VAL A 439 -17.50 6.53 -2.90
C VAL A 439 -16.47 5.50 -2.45
N GLN A 440 -16.58 4.29 -3.00
CA GLN A 440 -15.55 3.28 -2.90
C GLN A 440 -14.64 3.40 -4.12
N VAL A 441 -13.33 3.39 -3.90
CA VAL A 441 -12.36 3.65 -4.95
C VAL A 441 -11.45 2.43 -5.15
N ASP A 442 -11.12 2.16 -6.41
CA ASP A 442 -10.17 1.13 -6.79
C ASP A 442 -8.90 1.80 -7.29
N VAL A 443 -7.75 1.36 -6.79
CA VAL A 443 -6.46 1.86 -7.23
C VAL A 443 -5.71 0.71 -7.88
N VAL A 444 -5.30 0.89 -9.13
CA VAL A 444 -4.83 -0.22 -9.96
C VAL A 444 -3.63 0.19 -10.81
N PRO A 445 -2.91 -0.75 -11.43
CA PRO A 445 -1.80 -0.39 -12.31
C PRO A 445 -2.27 -0.20 -13.74
N PRO A 446 -1.42 0.30 -14.64
CA PRO A 446 -1.78 0.32 -16.06
C PRO A 446 -2.05 -1.06 -16.63
N SER A 447 -1.65 -2.13 -15.93
CA SER A 447 -1.89 -3.48 -16.43
C SER A 447 -3.37 -3.80 -16.46
N ALA A 448 -4.13 -3.30 -15.49
CA ALA A 448 -5.54 -3.65 -15.38
C ALA A 448 -6.33 -3.08 -16.55
N ASP A 449 -7.54 -3.61 -16.72
CA ASP A 449 -8.46 -3.18 -17.76
C ASP A 449 -9.30 -2.02 -17.22
N LEU A 450 -9.32 -0.91 -17.96
CA LEU A 450 -10.02 0.30 -17.52
C LEU A 450 -11.51 0.29 -17.85
N SER A 451 -12.01 -0.67 -18.63
CA SER A 451 -13.44 -0.77 -18.80
C SER A 451 -14.09 -1.16 -17.48
N GLY A 452 -15.40 -0.90 -17.38
CA GLY A 452 -16.11 -1.18 -16.15
C GLY A 452 -15.86 -0.16 -15.07
N TYR A 453 -15.61 1.09 -15.43
CA TYR A 453 -15.39 2.16 -14.47
C TYR A 453 -16.09 3.42 -14.95
N ALA A 454 -16.88 4.03 -14.06
CA ALA A 454 -17.59 5.26 -14.43
C ALA A 454 -16.61 6.37 -14.78
N ALA A 455 -15.61 6.59 -13.94
CA ALA A 455 -14.58 7.57 -14.19
C ALA A 455 -13.25 7.02 -13.68
N VAL A 456 -12.17 7.57 -14.21
CA VAL A 456 -10.82 7.17 -13.85
C VAL A 456 -10.01 8.42 -13.57
N VAL A 457 -9.13 8.36 -12.57
CA VAL A 457 -8.24 9.47 -12.25
C VAL A 457 -6.81 8.95 -12.25
N ALA A 458 -5.94 9.61 -13.01
CA ALA A 458 -4.54 9.23 -13.17
C ALA A 458 -3.68 10.40 -12.72
N PRO A 459 -3.44 10.55 -11.41
CA PRO A 459 -2.68 11.72 -10.94
C PRO A 459 -1.29 11.81 -11.52
N ALA A 460 -0.56 10.71 -11.58
CA ALA A 460 0.76 10.73 -12.22
C ALA A 460 0.89 9.49 -13.08
N LEU A 461 0.82 9.70 -14.39
CA LEU A 461 1.15 8.68 -15.37
C LEU A 461 2.43 9.13 -16.03
N HIS A 462 3.56 8.97 -15.34
CA HIS A 462 4.77 9.63 -15.82
C HIS A 462 5.25 8.98 -17.11
N LEU A 463 5.16 7.66 -17.18
CA LEU A 463 5.63 6.89 -18.32
C LEU A 463 4.39 6.29 -18.99
N VAL A 464 4.11 6.72 -20.22
CA VAL A 464 2.89 6.26 -20.92
C VAL A 464 3.33 5.36 -22.06
N THR A 465 3.04 4.06 -21.94
CA THR A 465 3.25 3.19 -23.08
C THR A 465 2.09 3.37 -24.07
N GLU A 466 2.41 3.30 -25.36
CA GLU A 466 1.45 3.67 -26.39
C GLU A 466 0.27 2.69 -26.44
N ASP A 467 0.49 1.42 -26.09
CA ASP A 467 -0.64 0.51 -25.89
C ASP A 467 -1.57 1.06 -24.80
N LEU A 468 -0.98 1.50 -23.69
CA LEU A 468 -1.77 2.12 -22.63
C LEU A 468 -2.48 3.36 -23.16
N ALA A 469 -1.78 4.14 -23.99
CA ALA A 469 -2.35 5.38 -24.51
C ALA A 469 -3.62 5.11 -25.34
N ASP A 470 -3.54 4.18 -26.31
CA ASP A 470 -4.73 3.92 -27.11
C ASP A 470 -5.80 3.17 -26.32
N ARG A 471 -5.42 2.41 -25.28
CA ARG A 471 -6.45 1.86 -24.40
C ARG A 471 -7.25 2.95 -23.73
N LEU A 472 -6.58 3.98 -23.20
CA LEU A 472 -7.31 5.09 -22.59
C LEU A 472 -8.11 5.90 -23.62
N THR A 473 -7.58 6.07 -24.83
CA THR A 473 -8.35 6.81 -25.84
C THR A 473 -9.65 6.09 -26.17
N ASP A 474 -9.59 4.76 -26.34
CA ASP A 474 -10.79 3.98 -26.62
C ASP A 474 -11.73 3.94 -25.42
N TYR A 475 -11.19 3.95 -24.19
CA TYR A 475 -12.05 4.01 -23.02
C TYR A 475 -12.81 5.33 -22.97
N ILE A 476 -12.13 6.44 -23.25
CA ILE A 476 -12.79 7.73 -23.19
C ILE A 476 -13.72 7.92 -24.39
N ALA A 477 -13.41 7.31 -25.52
CA ALA A 477 -14.27 7.44 -26.69
C ALA A 477 -15.54 6.62 -26.52
N GLY A 478 -15.43 5.42 -25.96
CA GLY A 478 -16.60 4.58 -25.79
C GLY A 478 -17.29 4.72 -24.44
N GLY A 479 -16.54 5.05 -23.39
CA GLY A 479 -17.11 5.02 -22.06
C GLY A 479 -16.94 6.34 -21.33
N GLY A 480 -16.70 6.22 -20.02
CA GLY A 480 -16.62 7.35 -19.12
C GLY A 480 -15.48 8.30 -19.38
N GLU A 481 -15.39 9.35 -18.56
CA GLU A 481 -14.34 10.34 -18.74
C GLU A 481 -13.19 10.13 -17.75
N VAL A 482 -12.11 10.88 -17.94
CA VAL A 482 -10.93 10.71 -17.09
C VAL A 482 -10.43 12.07 -16.58
N LEU A 483 -9.71 12.04 -15.46
CA LEU A 483 -9.02 13.21 -14.92
C LEU A 483 -7.55 12.87 -14.72
N PHE A 484 -6.68 13.48 -15.51
CA PHE A 484 -5.25 13.30 -15.40
C PHE A 484 -4.66 14.39 -14.51
N GLY A 485 -3.68 14.01 -13.70
CA GLY A 485 -3.02 14.96 -12.84
C GLY A 485 -1.77 15.52 -13.49
N PRO A 486 -0.96 16.25 -12.73
CA PRO A 486 0.28 16.79 -13.31
C PRO A 486 1.33 15.71 -13.50
N ARG A 487 2.25 15.98 -14.42
CA ARG A 487 3.40 15.11 -14.70
C ARG A 487 2.96 13.73 -15.21
N THR A 488 2.05 13.72 -16.18
CA THR A 488 1.71 12.50 -16.90
C THR A 488 2.00 12.71 -18.38
N GLY A 489 2.44 11.65 -19.05
CA GLY A 489 2.85 11.74 -20.44
C GLY A 489 4.15 12.51 -20.64
N VAL A 490 5.14 12.26 -19.79
CA VAL A 490 6.41 12.96 -19.87
C VAL A 490 7.52 12.05 -20.40
N LYS A 491 7.59 10.82 -19.93
CA LYS A 491 8.58 9.86 -20.39
C LYS A 491 7.93 8.57 -20.90
N ASP A 492 8.77 7.74 -21.55
CA ASP A 492 8.38 6.47 -22.14
C ASP A 492 8.71 5.33 -21.16
N ALA A 493 8.56 4.09 -21.63
CA ALA A 493 8.90 2.93 -20.81
C ALA A 493 10.36 2.92 -20.39
N GLU A 494 11.21 3.67 -21.07
CA GLU A 494 12.63 3.74 -20.78
C GLU A 494 13.03 4.96 -19.95
N ASN A 495 12.07 5.67 -19.37
CA ASN A 495 12.34 6.90 -18.61
C ASN A 495 13.08 7.92 -19.47
N LYS A 496 12.65 8.07 -20.72
CA LYS A 496 13.26 9.03 -21.64
C LYS A 496 12.19 9.96 -22.22
N LEU A 497 12.60 11.19 -22.47
CA LEU A 497 11.71 12.21 -23.00
C LEU A 497 11.37 11.92 -24.45
N ARG A 498 10.32 12.47 -24.86
CA ARG A 498 9.87 12.35 -26.23
C ARG A 498 10.31 13.55 -27.04
N PRO A 499 10.52 13.38 -28.34
CA PRO A 499 10.78 14.54 -29.20
C PRO A 499 9.62 15.52 -29.22
N MET A 500 8.42 15.08 -28.88
CA MET A 500 7.27 15.98 -28.86
C MET A 500 7.17 16.71 -27.52
N SER A 501 6.16 17.56 -27.41
CA SER A 501 5.87 18.28 -26.17
C SER A 501 4.93 17.45 -25.30
N GLN A 502 4.87 17.83 -24.02
CA GLN A 502 4.01 17.11 -23.08
C GLN A 502 2.54 17.28 -23.48
N PRO A 503 1.70 16.25 -23.31
CA PRO A 503 1.93 14.92 -22.74
C PRO A 503 2.17 13.77 -23.72
N GLY A 504 2.95 14.00 -24.76
CA GLY A 504 3.37 12.95 -25.66
C GLY A 504 2.24 12.17 -26.31
N PRO A 505 2.11 10.90 -25.97
CA PRO A 505 1.09 10.05 -26.61
C PRO A 505 -0.34 10.45 -26.29
N LEU A 506 -0.55 11.29 -25.26
CA LEU A 506 -1.88 11.72 -24.86
C LEU A 506 -2.24 13.11 -25.39
N THR A 507 -1.33 13.76 -26.12
CA THR A 507 -1.50 15.17 -26.47
C THR A 507 -2.82 15.45 -27.19
N ASP A 508 -3.34 14.48 -27.94
CA ASP A 508 -4.62 14.66 -28.61
C ASP A 508 -5.78 14.06 -27.84
N LEU A 509 -5.50 13.29 -26.80
CA LEU A 509 -6.52 12.88 -25.85
C LEU A 509 -6.85 13.98 -24.86
N VAL A 510 -6.20 15.13 -24.97
CA VAL A 510 -6.53 16.31 -24.18
C VAL A 510 -6.49 17.52 -25.11
N GLY A 511 -7.09 18.60 -24.66
CA GLY A 511 -7.22 19.78 -25.50
C GLY A 511 -6.00 20.66 -25.61
N ALA A 512 -4.91 20.34 -24.93
CA ALA A 512 -3.80 21.26 -24.83
C ALA A 512 -2.46 20.53 -24.83
N THR A 513 -1.42 21.30 -25.13
CA THR A 513 -0.05 20.92 -24.85
C THR A 513 0.37 21.61 -23.56
N VAL A 514 1.63 21.43 -23.17
CA VAL A 514 2.18 22.08 -21.99
C VAL A 514 3.30 23.00 -22.43
N ASP A 515 3.10 24.31 -22.27
CA ASP A 515 4.15 25.27 -22.58
C ASP A 515 5.41 24.96 -21.80
N GLN A 516 5.31 24.97 -20.47
CA GLN A 516 6.39 24.54 -19.58
C GLN A 516 5.84 24.40 -18.18
N HIS A 517 6.70 23.96 -17.26
CA HIS A 517 6.31 23.68 -15.88
C HIS A 517 7.24 24.42 -14.94
N GLU A 518 6.75 24.64 -13.72
CA GLU A 518 7.53 25.28 -12.67
C GLU A 518 7.23 24.61 -11.34
N SER A 519 8.23 24.61 -10.47
CA SER A 519 8.11 24.10 -9.11
C SER A 519 8.11 25.27 -8.14
N LEU A 520 7.23 25.22 -7.15
CA LEU A 520 6.98 26.38 -6.33
C LEU A 520 7.24 26.09 -4.86
N PRO A 521 8.06 26.87 -4.19
CA PRO A 521 8.12 26.79 -2.73
C PRO A 521 6.77 27.19 -2.18
N ARG A 522 6.28 26.44 -1.18
CA ARG A 522 4.98 26.76 -0.61
C ARG A 522 5.11 27.93 0.35
N ARG A 523 5.56 29.03 -0.23
CA ARG A 523 5.66 30.32 0.42
C ARG A 523 4.99 31.40 -0.41
N LEU A 524 4.77 31.14 -1.70
CA LEU A 524 4.14 32.07 -2.63
C LEU A 524 2.65 31.80 -2.67
N GLU A 525 1.87 32.86 -2.91
CA GLU A 525 0.45 32.69 -3.13
C GLU A 525 0.25 31.94 -4.44
N THR A 526 -0.48 30.83 -4.39
CA THR A 526 -0.66 29.94 -5.55
C THR A 526 -2.16 29.68 -5.66
N THR A 527 -2.83 30.47 -6.49
CA THR A 527 -4.26 30.41 -6.63
C THR A 527 -4.65 30.06 -8.06
N VAL A 528 -5.93 29.71 -8.21
CA VAL A 528 -6.58 29.56 -9.51
C VAL A 528 -8.01 30.04 -9.37
N ARG A 529 -8.55 30.59 -10.45
CA ARG A 529 -9.96 30.94 -10.54
C ARG A 529 -10.54 30.25 -11.76
N ARG A 530 -11.87 30.17 -11.84
CA ARG A 530 -12.47 29.42 -12.94
C ARG A 530 -12.87 30.33 -14.08
N VAL A 531 -12.63 29.87 -15.30
CA VAL A 531 -12.94 30.59 -16.52
C VAL A 531 -13.83 29.74 -17.42
N PRO A 544 -14.82 31.70 -5.06
CA PRO A 544 -14.35 31.17 -6.35
C PRO A 544 -12.84 30.89 -6.45
N PRO A 545 -11.97 31.76 -5.94
CA PRO A 545 -10.53 31.46 -6.06
C PRO A 545 -10.11 30.41 -5.05
N VAL A 546 -9.57 29.31 -5.55
CA VAL A 546 -9.01 28.26 -4.73
C VAL A 546 -7.49 28.30 -4.89
N SER A 547 -6.80 27.72 -3.92
CA SER A 547 -5.34 27.66 -3.91
C SER A 547 -4.86 26.28 -4.36
N PHE A 548 -3.69 26.27 -5.01
CA PHE A 548 -3.00 25.05 -5.42
C PHE A 548 -1.65 25.00 -4.72
N ARG A 549 -0.91 23.92 -4.95
CA ARG A 549 0.24 23.61 -4.11
C ARG A 549 1.41 23.08 -4.93
N THR A 550 2.55 23.76 -4.84
CA THR A 550 3.86 23.19 -5.13
C THR A 550 4.15 22.93 -6.62
N TRP A 551 3.16 23.02 -7.49
CA TRP A 551 3.41 22.63 -8.88
C TRP A 551 2.41 23.29 -9.81
N ALA A 552 2.92 23.77 -10.95
CA ALA A 552 2.11 24.43 -11.97
C ALA A 552 2.63 24.06 -13.35
N GLU A 553 1.71 23.86 -14.28
CA GLU A 553 2.03 23.56 -15.67
C GLU A 553 1.17 24.42 -16.58
N TRP A 554 1.82 25.32 -17.33
CA TRP A 554 1.09 26.22 -18.21
C TRP A 554 0.52 25.44 -19.38
N LEU A 555 -0.78 25.53 -19.59
CA LEU A 555 -1.45 24.77 -20.63
C LEU A 555 -1.63 25.62 -21.87
N ASP A 556 -1.27 25.07 -23.02
CA ASP A 556 -1.42 25.66 -24.34
C ASP A 556 -2.63 25.02 -24.98
N PRO A 557 -3.83 25.58 -24.82
CA PRO A 557 -5.02 24.93 -25.37
C PRO A 557 -5.03 25.02 -26.89
N ASP A 558 -4.70 23.92 -27.54
CA ASP A 558 -4.74 23.82 -28.99
C ASP A 558 -6.02 23.18 -29.48
N ALA A 559 -6.51 22.15 -28.79
CA ALA A 559 -7.79 21.57 -29.16
C ALA A 559 -8.95 22.36 -28.56
N ALA A 560 -9.06 22.42 -27.22
CA ALA A 560 -10.16 23.19 -26.66
C ALA A 560 -10.12 23.32 -25.13
N GLU A 561 -10.82 24.37 -24.67
CA GLU A 561 -11.54 24.63 -23.40
C GLU A 561 -10.80 24.64 -22.06
N PRO A 562 -10.10 25.73 -21.74
CA PRO A 562 -9.59 25.89 -20.37
C PRO A 562 -10.72 26.18 -19.38
N GLN A 563 -10.65 25.55 -18.21
CA GLN A 563 -11.62 25.75 -17.13
C GLN A 563 -11.10 26.67 -16.04
N TYR A 564 -9.91 26.40 -15.51
CA TYR A 564 -9.30 27.20 -14.45
C TYR A 564 -8.07 27.91 -15.01
N ALA A 565 -7.90 29.17 -14.61
CA ALA A 565 -6.75 29.99 -14.96
C ALA A 565 -6.02 30.41 -13.69
N TYR A 566 -4.82 30.94 -13.89
CA TYR A 566 -3.93 31.29 -12.80
C TYR A 566 -4.18 32.72 -12.33
N ASP A 567 -4.65 32.87 -11.09
CA ASP A 567 -4.66 34.15 -10.40
C ASP A 567 -3.45 34.29 -9.49
N VAL A 568 -2.36 33.59 -9.82
CA VAL A 568 -1.14 33.63 -9.04
C VAL A 568 -0.46 34.99 -9.16
N ASP A 569 -0.64 35.66 -10.30
CA ASP A 569 -0.05 36.97 -10.57
C ASP A 569 1.48 36.91 -10.51
N GLY A 570 2.03 36.03 -11.34
CA GLY A 570 3.45 35.98 -11.59
C GLY A 570 3.68 36.13 -13.08
N PRO A 571 4.62 35.34 -13.64
CA PRO A 571 4.75 35.28 -15.10
C PRO A 571 3.82 34.28 -15.75
N ALA A 572 3.10 33.50 -14.94
CA ALA A 572 2.11 32.55 -15.41
C ALA A 572 0.69 33.09 -15.30
N ASP A 573 0.55 34.39 -15.03
CA ASP A 573 -0.76 34.99 -14.78
C ASP A 573 -1.68 34.83 -15.98
N GLY A 574 -2.90 34.37 -15.72
CA GLY A 574 -3.93 34.28 -16.75
C GLY A 574 -3.81 33.13 -17.71
N ARG A 575 -2.80 32.28 -17.57
CA ARG A 575 -2.68 31.15 -18.48
C ARG A 575 -3.56 30.00 -17.99
N PRO A 576 -4.05 29.17 -18.90
CA PRO A 576 -4.90 28.05 -18.49
C PRO A 576 -4.18 27.11 -17.53
N ALA A 577 -4.89 26.68 -16.49
CA ALA A 577 -4.37 25.76 -15.49
C ALA A 577 -5.03 24.39 -15.55
N VAL A 578 -6.36 24.34 -15.69
CA VAL A 578 -7.09 23.10 -15.88
C VAL A 578 -7.74 23.18 -17.26
N VAL A 579 -8.00 22.02 -17.85
CA VAL A 579 -8.55 21.97 -19.20
C VAL A 579 -9.47 20.78 -19.35
N THR A 580 -10.41 20.90 -20.28
CA THR A 580 -11.36 19.84 -20.59
C THR A 580 -11.50 19.72 -22.10
N ASN A 581 -11.78 18.51 -22.57
CA ASN A 581 -12.04 18.29 -23.98
C ASN A 581 -12.91 17.06 -24.18
N THR A 582 -13.78 17.16 -25.18
CA THR A 582 -14.77 16.14 -25.51
C THR A 582 -14.37 15.53 -26.87
N VAL A 583 -13.60 14.44 -26.81
CA VAL A 583 -13.05 13.86 -28.03
C VAL A 583 -14.17 13.26 -28.89
N GLY A 584 -14.98 12.37 -28.30
CA GLY A 584 -16.10 11.71 -28.93
C GLY A 584 -17.25 11.69 -27.95
N ASP A 585 -17.71 10.49 -27.62
CA ASP A 585 -18.61 10.28 -26.50
C ASP A 585 -17.77 10.07 -25.24
N GLY A 586 -17.83 11.01 -24.32
CA GLY A 586 -17.01 10.91 -23.13
C GLY A 586 -15.91 11.97 -23.13
N GLN A 587 -15.49 12.37 -21.94
CA GLN A 587 -14.67 13.56 -21.80
C GLN A 587 -13.32 13.25 -21.14
N VAL A 588 -12.48 14.27 -21.15
CA VAL A 588 -11.16 14.19 -20.54
C VAL A 588 -10.81 15.55 -19.95
N THR A 589 -10.41 15.55 -18.68
CA THR A 589 -9.97 16.76 -18.01
C THR A 589 -8.54 16.56 -17.52
N TYR A 590 -7.73 17.61 -17.68
CA TYR A 590 -6.33 17.60 -17.32
C TYR A 590 -6.09 18.70 -16.29
N CYS A 591 -5.49 18.33 -15.17
CA CYS A 591 -5.19 19.22 -14.06
C CYS A 591 -3.68 19.39 -14.01
N GLY A 592 -3.19 20.51 -14.55
CA GLY A 592 -1.78 20.78 -14.57
C GLY A 592 -1.32 21.42 -13.28
N VAL A 593 -2.00 21.08 -12.18
CA VAL A 593 -1.82 21.76 -10.91
C VAL A 593 -2.07 20.76 -9.78
N TRP A 594 -1.30 20.89 -8.70
CA TRP A 594 -1.48 20.04 -7.53
C TRP A 594 -2.51 20.71 -6.64
N PRO A 595 -3.74 20.21 -6.63
CA PRO A 595 -4.85 20.94 -6.00
C PRO A 595 -4.91 20.73 -4.50
N GLU A 596 -5.29 21.79 -3.79
CA GLU A 596 -5.56 21.71 -2.37
C GLU A 596 -6.98 21.17 -2.19
N SER A 597 -7.47 21.21 -0.95
CA SER A 597 -8.71 20.49 -0.61
C SER A 597 -9.90 20.93 -1.46
N ASP A 598 -10.14 22.25 -1.54
CA ASP A 598 -11.35 22.75 -2.19
C ASP A 598 -11.34 22.47 -3.70
N LEU A 599 -10.22 22.78 -4.36
CA LEU A 599 -10.13 22.55 -5.80
C LEU A 599 -10.27 21.07 -6.13
N ALA A 600 -9.60 20.22 -5.37
CA ALA A 600 -9.68 18.79 -5.59
C ALA A 600 -11.10 18.29 -5.38
N ASP A 601 -11.80 18.83 -4.37
CA ASP A 601 -13.18 18.41 -4.16
C ASP A 601 -14.08 18.85 -5.30
N ALA A 602 -13.86 20.07 -5.82
CA ALA A 602 -14.63 20.52 -6.98
C ALA A 602 -14.43 19.58 -8.16
N LEU A 603 -13.17 19.25 -8.45
CA LEU A 603 -12.88 18.35 -9.58
C LEU A 603 -13.50 16.97 -9.36
N ALA A 604 -13.39 16.44 -8.14
CA ALA A 604 -13.94 15.11 -7.86
C ALA A 604 -15.45 15.10 -7.98
N SER A 605 -16.13 16.08 -7.37
CA SER A 605 -17.58 16.15 -7.45
C SER A 605 -18.04 16.33 -8.88
N ASP A 606 -17.30 17.10 -9.68
CA ASP A 606 -17.73 17.32 -11.05
C ASP A 606 -17.53 16.06 -11.90
N LEU A 607 -16.40 15.37 -11.76
CA LEU A 607 -16.23 14.11 -12.47
C LEU A 607 -17.27 13.09 -12.05
N LEU A 608 -17.68 13.13 -10.77
CA LEU A 608 -18.75 12.24 -10.32
C LEU A 608 -20.08 12.65 -10.91
N ASP A 609 -20.29 13.96 -11.12
CA ASP A 609 -21.47 14.43 -11.85
C ASP A 609 -21.48 13.86 -13.26
N ARG A 610 -20.33 13.89 -13.94
CA ARG A 610 -20.26 13.42 -15.31
C ARG A 610 -20.50 11.93 -15.46
N ALA A 611 -20.44 11.16 -14.38
CA ALA A 611 -20.48 9.71 -14.48
C ALA A 611 -21.65 9.12 -13.69
N GLY A 612 -22.68 9.92 -13.44
CA GLY A 612 -23.89 9.48 -12.77
C GLY A 612 -23.73 8.56 -11.56
N VAL A 613 -22.75 8.85 -10.69
CA VAL A 613 -22.57 8.10 -9.45
C VAL A 613 -23.06 8.96 -8.30
N ARG A 614 -23.25 8.32 -7.14
CA ARG A 614 -24.09 8.79 -6.04
C ARG A 614 -23.30 9.51 -4.95
N TYR A 615 -22.34 10.35 -5.32
CA TYR A 615 -21.53 11.04 -4.31
C TYR A 615 -22.40 11.67 -3.24
N ALA A 616 -21.99 11.47 -1.99
CA ALA A 616 -22.59 12.17 -0.87
C ALA A 616 -22.00 13.58 -0.81
N GLU A 617 -22.63 14.45 -0.04
CA GLU A 617 -22.09 15.78 0.10
C GLU A 617 -20.80 15.74 0.91
N ARG A 618 -20.02 16.81 0.81
CA ARG A 618 -18.66 16.84 1.32
C ARG A 618 -18.60 16.32 2.75
N LEU A 619 -18.01 15.14 2.93
CA LEU A 619 -17.93 14.63 4.29
C LEU A 619 -16.77 15.30 5.02
N PRO A 620 -16.86 15.41 6.35
CA PRO A 620 -15.78 16.07 7.09
C PRO A 620 -14.45 15.36 6.90
N ASP A 621 -13.39 16.03 7.36
CA ASP A 621 -12.04 15.59 7.04
C ASP A 621 -11.72 14.22 7.64
N GLY A 622 -12.24 13.93 8.82
CA GLY A 622 -11.94 12.67 9.47
C GLY A 622 -13.09 11.69 9.45
N VAL A 623 -13.93 11.79 8.42
CA VAL A 623 -15.13 10.97 8.29
C VAL A 623 -15.07 10.27 6.93
N ARG A 624 -15.18 8.95 6.93
CA ARG A 624 -15.11 8.20 5.68
C ARG A 624 -16.21 7.14 5.66
N ILE A 625 -16.86 6.98 4.51
CA ILE A 625 -17.95 6.03 4.38
C ILE A 625 -17.72 5.17 3.15
N GLY A 626 -18.13 3.90 3.25
CA GLY A 626 -17.95 2.95 2.16
C GLY A 626 -19.01 1.87 2.10
N TYR A 627 -19.43 1.51 0.89
CA TYR A 627 -20.53 0.56 0.67
C TYR A 627 -19.95 -0.79 0.26
N ARG A 628 -20.01 -1.76 1.17
CA ARG A 628 -19.54 -3.11 0.93
C ARG A 628 -20.75 -4.04 0.85
N GLY A 629 -20.88 -4.73 -0.28
CA GLY A 629 -22.05 -5.58 -0.49
C GLY A 629 -23.32 -4.75 -0.54
N GLY A 630 -24.14 -4.87 0.51
CA GLY A 630 -25.37 -4.09 0.58
C GLY A 630 -25.33 -3.05 1.67
N ARG A 631 -24.54 -3.31 2.70
CA ARG A 631 -24.39 -2.40 3.84
C ARG A 631 -23.35 -1.33 3.53
N THR A 632 -23.48 -0.19 4.22
CA THR A 632 -22.51 0.90 4.10
C THR A 632 -22.07 1.33 5.50
N TRP A 633 -20.80 1.70 5.59
CA TRP A 633 -20.07 1.90 6.84
C TRP A 633 -19.62 3.35 6.93
N VAL A 634 -19.81 3.98 8.09
CA VAL A 634 -19.25 5.31 8.34
C VAL A 634 -18.27 5.19 9.51
N THR A 635 -17.00 5.43 9.23
CA THR A 635 -15.93 5.38 10.21
C THR A 635 -15.54 6.80 10.57
N ASN A 636 -15.56 7.10 11.87
CA ASN A 636 -15.29 8.42 12.42
C ASN A 636 -13.91 8.41 13.06
N PHE A 637 -12.93 8.99 12.37
CA PHE A 637 -11.61 9.17 12.97
C PHE A 637 -11.52 10.45 13.77
N THR A 638 -12.56 11.29 13.72
CA THR A 638 -12.64 12.51 14.52
C THR A 638 -13.11 12.17 15.93
N SER A 639 -12.63 12.93 16.90
CA SER A 639 -13.01 12.73 18.29
C SER A 639 -14.14 13.65 18.75
N ASP A 640 -14.83 14.34 17.83
CA ASP A 640 -15.87 15.25 18.32
C ASP A 640 -17.18 14.54 18.60
N ARG A 641 -17.94 14.28 17.53
CA ARG A 641 -19.19 13.52 17.51
C ARG A 641 -19.78 13.67 16.11
N LEU A 642 -20.69 12.78 15.73
CA LEU A 642 -21.33 12.90 14.43
C LEU A 642 -22.81 12.62 14.58
N ARG A 643 -23.62 13.31 13.79
CA ARG A 643 -25.06 13.12 13.82
C ARG A 643 -25.57 13.08 12.38
N LEU A 644 -26.08 11.92 11.97
CA LEU A 644 -26.69 11.79 10.67
C LEU A 644 -28.20 11.81 10.82
N PRO A 645 -28.87 12.93 10.58
CA PRO A 645 -30.33 12.89 10.42
C PRO A 645 -30.68 12.18 9.13
N GLU A 646 -31.96 12.12 8.78
CA GLU A 646 -32.46 11.46 7.57
C GLU A 646 -32.28 9.95 7.59
N ILE A 647 -31.78 9.37 8.70
CA ILE A 647 -31.64 7.92 8.82
C ILE A 647 -32.01 7.54 10.25
N ASP A 648 -33.11 6.81 10.42
CA ASP A 648 -33.56 6.37 11.73
C ASP A 648 -32.74 5.16 12.18
N PRO A 649 -32.95 4.68 13.44
CA PRO A 649 -32.02 3.69 14.03
C PRO A 649 -31.83 2.33 13.38
N GLU A 650 -32.45 2.01 12.24
CA GLU A 650 -32.27 0.67 11.70
C GLU A 650 -30.85 0.56 11.14
N SER A 651 -29.89 0.41 12.06
CA SER A 651 -28.48 0.19 11.78
C SER A 651 -28.10 -1.16 12.37
N LEU A 652 -27.13 -1.83 11.75
CA LEU A 652 -26.73 -3.14 12.27
C LEU A 652 -25.67 -3.05 13.35
N ALA A 653 -24.66 -2.21 13.15
CA ALA A 653 -23.54 -2.08 14.09
C ALA A 653 -23.71 -0.79 14.87
N VAL A 654 -24.11 -0.89 16.14
CA VAL A 654 -24.29 0.27 16.99
C VAL A 654 -23.67 -0.01 18.36
N ASP A 655 -23.21 1.05 19.00
CA ASP A 655 -22.41 1.05 20.21
C ASP A 655 -23.28 1.05 21.47
N ASP A 656 -22.65 0.73 22.60
CA ASP A 656 -23.33 0.70 23.88
C ASP A 656 -22.73 1.72 24.85
N SER A 673 -36.13 11.45 20.17
CA SER A 673 -36.88 10.71 19.17
C SER A 673 -35.96 9.94 18.23
N ALA A 674 -36.30 10.00 16.94
CA ALA A 674 -35.49 9.45 15.85
C ALA A 674 -34.99 10.64 15.06
N ASP A 675 -33.78 11.09 15.40
CA ASP A 675 -33.20 12.32 14.87
C ASP A 675 -31.97 12.00 14.02
N GLY A 676 -31.98 10.84 13.40
CA GLY A 676 -30.76 10.29 12.85
C GLY A 676 -30.11 9.37 13.86
N ILE A 677 -28.85 9.06 13.58
CA ILE A 677 -28.02 8.28 14.48
C ILE A 677 -26.80 9.12 14.83
N VAL A 678 -26.32 8.96 16.06
CA VAL A 678 -25.13 9.67 16.52
C VAL A 678 -23.96 8.69 16.59
N VAL A 679 -22.87 9.04 15.90
CA VAL A 679 -21.65 8.25 15.82
C VAL A 679 -20.61 8.97 16.66
N GLY A 680 -20.28 8.41 17.83
CA GLY A 680 -19.39 9.06 18.74
C GLY A 680 -17.96 9.07 18.23
N PRO A 681 -17.07 9.63 19.03
CA PRO A 681 -15.65 9.66 18.65
C PRO A 681 -15.09 8.26 18.48
N TYR A 682 -14.49 8.01 17.31
CA TYR A 682 -13.90 6.72 16.99
C TYR A 682 -14.94 5.59 17.04
N GLY A 683 -16.05 5.79 16.33
CA GLY A 683 -17.12 4.83 16.32
C GLY A 683 -17.53 4.46 14.90
N VAL A 684 -18.23 3.33 14.78
CA VAL A 684 -18.69 2.84 13.50
C VAL A 684 -20.20 2.59 13.62
N ALA A 685 -20.85 2.44 12.46
CA ALA A 685 -22.31 2.61 12.45
C ALA A 685 -23.10 1.75 11.48
N VAL A 686 -22.57 0.64 10.98
CA VAL A 686 -22.98 0.07 9.69
C VAL A 686 -24.47 0.17 9.38
N ILE A 687 -24.77 0.75 8.23
CA ILE A 687 -26.13 0.98 7.76
C ILE A 687 -26.25 0.45 6.34
N GLU A 688 -27.47 0.07 5.98
CA GLU A 688 -27.76 -0.54 4.69
C GLU A 688 -28.43 0.47 3.78
N GLY A 689 -27.88 0.68 2.59
CA GLY A 689 -28.62 1.51 1.66
C GLY A 689 -27.97 2.60 0.84
N ASP A 690 -26.63 2.64 0.77
CA ASP A 690 -25.92 3.34 -0.31
C ASP A 690 -26.36 4.81 -0.44
N CYS A 691 -25.90 5.63 0.52
CA CYS A 691 -26.48 6.94 0.78
C CYS A 691 -25.90 8.08 -0.04
N VAL A 692 -26.70 9.14 -0.14
CA VAL A 692 -26.30 10.43 -0.68
C VAL A 692 -26.54 11.45 0.42
N ASP A 693 -25.54 11.72 1.27
CA ASP A 693 -25.90 12.39 2.51
C ASP A 693 -24.77 13.27 3.07
N GLY A 694 -25.15 13.99 4.12
CA GLY A 694 -24.28 14.82 4.93
C GLY A 694 -24.55 14.53 6.40
N LEU A 695 -23.85 15.23 7.30
CA LEU A 695 -23.81 14.89 8.70
C LEU A 695 -23.62 16.13 9.56
N ARG A 696 -23.11 15.93 10.76
CA ARG A 696 -22.41 16.96 11.53
C ARG A 696 -21.79 18.02 10.62
ZN ZN B . 23.04 -7.93 -2.21
MG MG C . 32.05 -5.42 12.83
#